data_9I96
#
_entry.id   9I96
#
_cell.length_a   1.00
_cell.length_b   1.00
_cell.length_c   1.00
_cell.angle_alpha   90.00
_cell.angle_beta   90.00
_cell.angle_gamma   90.00
#
_symmetry.space_group_name_H-M   'P 1'
#
loop_
_entity.id
_entity.type
_entity.pdbx_description
1 polymer 'LPS-assembly protein LptD'
2 polymer 'LPS-assembly lipoprotein LptE'
3 polymer 'Compound 5 - Bicyclic Peptide binder'
4 non-polymer DODECYL-BETA-D-MALTOSIDE
5 non-polymer 1-[3,5-bis(2-chloranylethanoyl)-1,3,5-triazinan-1-yl]-2-chloranyl-ethanone
6 water water
#
loop_
_entity_poly.entity_id
_entity_poly.type
_entity_poly.pdbx_seq_one_letter_code
_entity_poly.pdbx_strand_id
1 'polypeptide(L)'
;ADLASQCMLGVPSYDRPLVQGDTNDLPVTINADHAKGDYPDDAVFTGSVDIMQGNSRLQADEVQLHQKEAPGQPEPVRTV
DALGNVHYDDNQVILKGPKGWANLNTKDTNVWEGDYQMVGRQGRGKADLMKQRGENRYTILDNGSFTSCLPGSDTWSVVG
SEIIHDREEQVAEIWNARFKVGPVPIFYSPYLQLPVGDKRRSGFLIPNAKYTTTNYFEFYLPYYWNIAPNMDATITPHYM
HRRGNIMWENEFRYLSQAGAGLMELDYLPSDKVYEDEHPNDDSSRRWLFYWNHSGVMDQVWRFNVDYTKVSDPSYFNDFD
NKYGSSTDGYATQKFSVGYAVQNFNATVSTKQFQVFSEQNTSSYSAEPQLDVNYYQNDVGPFDTRIYGQAVHFVNTRDDM
PEATRVHLEPTINLPLSNNWGSINTEAKFLATHYQQTNLDWYNSRNTTKLDESVNRVMPQFKVDGKMVFERDMEMLAPGY
TQTLEPRAQYLYVPYRDQSDIYNYDSSLLQSDYSGLFRDRTYGGLDRIASANQVTTGVTSRIYDDAAVERFNISVGQIYY
FTESRTGDDNITWENDDKTGSLVWAGDTYWRISERWGLRGGIQYDTRLDNVATSNSSIEYRRDEDRLVQLNYHYASPEYI
QATLPKYYSTAEQYKNGISQVGAVASRPIADRWSIVGAYYYDTNANKQADSMLGVQYSSCCYAIRVGYERKLNGWDNDKQ
HAVYDNAIGFNIELRGLSSNYGLGTQEMLRSNILPYQNTL
;
A
2 'polypeptide(L)'
;CGWHLRDTTQVPSTMKVMILDSGDPNGPLSRAVRNQLRLNGVELLDKETTRKDVPSLRLGKVSIAKDTASVFRNGQTAEY
QMIMTVNATVLIPGRDIYPISAKVFRSFFDNPQMALAKDNEQDMIVKEMYDRAAEQLIRKLPSIRAADIRSDEEQTSTTT
DTPATPARVSTMLGNHHHHHH
;
B
3 'polypeptide(L)' ACWHWWLEEDCDKKECA(NH2) C
#
loop_
_chem_comp.id
_chem_comp.type
_chem_comp.name
_chem_comp.formula
LMT D-saccharide DODECYL-BETA-D-MALTOSIDE 'C24 H46 O11'
NH2 non-polymer 'AMINO GROUP' 'H2 N'
R06 non-polymer 1-[3,5-bis(2-chloranylethanoyl)-1,3,5-triazinan-1-yl]-2-chloranyl-ethanone 'C9 H12 Cl3 N3 O3'
#
# COMPACT_ATOMS: atom_id res chain seq x y z
N SER A 202 33.15 19.68 -2.07
CA SER A 202 33.44 18.30 -1.67
C SER A 202 34.45 18.28 -0.53
N GLY A 203 34.09 17.63 0.57
CA GLY A 203 34.98 17.57 1.70
C GLY A 203 34.40 16.73 2.82
N PHE A 204 34.98 16.86 4.00
CA PHE A 204 34.59 16.09 5.17
C PHE A 204 33.42 16.78 5.85
N LEU A 205 32.42 15.99 6.26
CA LEU A 205 31.36 16.51 7.11
C LEU A 205 31.76 16.39 8.58
N ILE A 206 30.84 16.78 9.45
CA ILE A 206 31.00 16.61 10.88
C ILE A 206 30.80 15.12 11.21
N PRO A 207 31.78 14.46 11.83
CA PRO A 207 31.56 13.07 12.25
C PRO A 207 30.63 12.97 13.44
N ASN A 208 29.84 11.89 13.46
CA ASN A 208 28.79 11.80 14.46
C ASN A 208 28.65 10.38 15.01
N ALA A 209 28.21 10.29 16.25
CA ALA A 209 28.33 9.05 17.01
C ALA A 209 26.99 8.63 17.58
N LYS A 210 26.90 7.33 17.86
CA LYS A 210 25.79 6.79 18.63
C LYS A 210 26.27 5.59 19.43
N TYR A 211 25.45 5.20 20.40
CA TYR A 211 25.71 4.09 21.30
C TYR A 211 24.47 3.20 21.28
N THR A 212 24.61 1.99 20.76
CA THR A 212 23.56 1.00 20.74
C THR A 212 24.00 -0.22 21.54
N THR A 213 23.03 -1.04 21.95
CA THR A 213 23.35 -2.26 22.67
C THR A 213 23.86 -3.36 21.75
N THR A 214 23.61 -3.27 20.45
CA THR A 214 24.10 -4.26 19.51
C THR A 214 25.55 -4.00 19.09
N ASN A 215 25.89 -2.75 18.79
CA ASN A 215 27.21 -2.42 18.28
C ASN A 215 28.08 -1.72 19.30
N TYR A 216 27.55 -1.46 20.50
CA TYR A 216 28.14 -0.65 21.60
C TYR A 216 28.36 0.75 21.03
N PHE A 217 29.53 1.35 21.18
CA PHE A 217 29.76 2.71 20.70
C PHE A 217 30.26 2.64 19.26
N GLU A 218 29.60 3.39 18.37
CA GLU A 218 29.98 3.42 16.97
C GLU A 218 30.01 4.87 16.51
N PHE A 219 30.81 5.15 15.48
CA PHE A 219 30.74 6.48 14.90
C PHE A 219 30.90 6.44 13.39
N TYR A 220 30.36 7.48 12.76
CA TYR A 220 30.36 7.70 11.32
C TYR A 220 31.29 8.87 11.02
N LEU A 221 32.10 8.71 9.97
CA LEU A 221 32.89 9.81 9.40
C LEU A 221 32.52 10.00 7.94
N PRO A 222 31.59 10.92 7.62
CA PRO A 222 31.23 11.15 6.21
C PRO A 222 32.35 11.81 5.41
N TYR A 223 32.33 11.55 4.10
CA TYR A 223 33.04 12.36 3.13
C TYR A 223 32.12 12.47 1.91
N TYR A 224 31.99 13.68 1.38
CA TYR A 224 31.07 13.96 0.29
C TYR A 224 31.86 14.38 -0.95
N TRP A 225 31.35 14.02 -2.12
CA TRP A 225 32.07 14.19 -3.36
C TRP A 225 31.07 14.55 -4.45
N ASN A 226 31.35 15.60 -5.21
CA ASN A 226 30.59 15.92 -6.42
C ASN A 226 31.38 15.42 -7.62
N ILE A 227 30.83 14.43 -8.33
CA ILE A 227 31.54 13.92 -9.49
C ILE A 227 31.37 14.89 -10.66
N ALA A 228 30.14 15.26 -10.93
CA ALA A 228 29.69 16.26 -11.89
C ALA A 228 28.32 16.65 -11.38
N PRO A 229 27.82 17.87 -11.62
CA PRO A 229 26.51 18.22 -11.07
C PRO A 229 25.35 17.52 -11.77
N ASN A 230 24.51 16.89 -10.95
CA ASN A 230 23.58 15.74 -11.02
C ASN A 230 24.18 14.42 -10.54
N MET A 231 25.46 14.36 -10.14
CA MET A 231 26.03 13.11 -9.60
C MET A 231 26.83 13.40 -8.35
N ASP A 232 26.39 12.88 -7.21
CA ASP A 232 27.18 13.02 -5.99
C ASP A 232 27.29 11.69 -5.25
N ALA A 233 28.28 11.62 -4.36
CA ALA A 233 28.58 10.39 -3.64
C ALA A 233 29.00 10.74 -2.21
N THR A 234 28.86 9.75 -1.33
CA THR A 234 29.22 9.89 0.07
C THR A 234 29.87 8.59 0.52
N ILE A 235 31.12 8.67 0.96
CA ILE A 235 31.87 7.52 1.46
C ILE A 235 31.99 7.71 2.97
N THR A 236 31.52 6.73 3.73
CA THR A 236 31.45 6.88 5.19
C THR A 236 32.08 5.68 5.86
N PRO A 237 33.22 5.84 6.53
CA PRO A 237 33.62 4.86 7.54
C PRO A 237 32.65 4.82 8.71
N HIS A 238 32.31 3.61 9.11
CA HIS A 238 31.49 3.28 10.28
C HIS A 238 32.34 2.42 11.21
N TYR A 239 32.94 3.01 12.23
CA TYR A 239 33.67 2.19 13.18
C TYR A 239 32.69 1.67 14.20
N MET A 240 32.57 0.35 14.31
CA MET A 240 31.78 -0.31 15.34
C MET A 240 32.70 -1.14 16.22
N HIS A 241 32.47 -1.05 17.53
CA HIS A 241 33.41 -1.50 18.56
C HIS A 241 33.19 -2.96 18.97
N ARG A 242 31.92 -3.38 19.10
CA ARG A 242 31.62 -4.77 19.41
C ARG A 242 31.97 -5.69 18.24
N ARG A 243 31.65 -5.27 17.03
CA ARG A 243 32.08 -5.96 15.82
C ARG A 243 33.52 -5.63 15.45
N GLY A 244 34.08 -4.58 16.05
CA GLY A 244 35.50 -4.31 16.07
C GLY A 244 36.13 -3.99 14.73
N ASN A 245 35.39 -3.32 13.86
CA ASN A 245 35.87 -3.12 12.50
C ASN A 245 35.21 -1.85 11.95
N ILE A 246 35.43 -1.59 10.66
CA ILE A 246 34.89 -0.41 9.98
C ILE A 246 34.07 -0.91 8.80
N MET A 247 32.77 -0.62 8.83
CA MET A 247 31.92 -0.81 7.66
C MET A 247 32.07 0.38 6.73
N TRP A 248 32.33 0.10 5.46
CA TRP A 248 32.41 1.14 4.45
C TRP A 248 31.05 1.29 3.80
N GLU A 249 30.46 2.47 3.92
CA GLU A 249 29.13 2.76 3.41
C GLU A 249 29.25 3.77 2.28
N ASN A 250 28.87 3.37 1.07
CA ASN A 250 28.99 4.22 -0.10
C ASN A 250 27.61 4.51 -0.65
N GLU A 251 27.26 5.79 -0.72
CA GLU A 251 26.03 6.25 -1.33
C GLU A 251 26.39 6.98 -2.62
N PHE A 252 25.62 6.75 -3.68
CA PHE A 252 25.88 7.44 -4.95
C PHE A 252 24.53 7.77 -5.55
N ARG A 253 24.21 9.05 -5.61
CA ARG A 253 22.93 9.54 -6.10
C ARG A 253 23.13 10.19 -7.46
N TYR A 254 22.24 9.87 -8.40
CA TYR A 254 22.35 10.33 -9.78
C TYR A 254 20.99 10.82 -10.26
N LEU A 255 21.02 11.76 -11.19
CA LEU A 255 19.84 12.22 -11.90
C LEU A 255 20.19 12.26 -13.39
N SER A 256 19.42 11.54 -14.21
CA SER A 256 19.69 11.45 -15.63
C SER A 256 18.36 11.43 -16.37
N GLN A 257 18.45 11.23 -17.69
CA GLN A 257 17.27 11.22 -18.55
C GLN A 257 16.40 9.99 -18.30
N ALA A 258 16.99 8.91 -17.80
CA ALA A 258 16.20 7.76 -17.38
C ALA A 258 15.49 7.99 -16.06
N GLY A 259 15.89 9.00 -15.29
CA GLY A 259 15.22 9.31 -14.04
C GLY A 259 16.21 9.52 -12.92
N ALA A 260 15.73 9.43 -11.69
CA ALA A 260 16.53 9.67 -10.50
C ALA A 260 16.77 8.36 -9.77
N GLY A 261 18.02 8.16 -9.31
CA GLY A 261 18.38 6.90 -8.69
C GLY A 261 19.38 7.09 -7.57
N LEU A 262 19.39 6.10 -6.68
CA LEU A 262 20.27 6.06 -5.52
C LEU A 262 20.84 4.65 -5.41
N MET A 263 22.15 4.55 -5.28
CA MET A 263 22.84 3.28 -5.06
C MET A 263 23.53 3.31 -3.71
N GLU A 264 23.54 2.15 -3.03
CA GLU A 264 24.11 2.04 -1.70
C GLU A 264 24.89 0.73 -1.62
N LEU A 265 26.11 0.81 -1.12
CA LEU A 265 26.95 -0.37 -0.95
C LEU A 265 27.59 -0.34 0.43
N ASP A 266 27.24 -1.29 1.28
CA ASP A 266 27.81 -1.43 2.61
C ASP A 266 28.67 -2.68 2.66
N TYR A 267 29.91 -2.54 3.11
CA TYR A 267 30.82 -3.69 3.21
C TYR A 267 31.48 -3.68 4.57
N LEU A 268 31.28 -4.75 5.33
CA LEU A 268 32.01 -5.06 6.55
C LEU A 268 32.93 -6.24 6.25
N PRO A 269 34.25 -6.05 6.22
CA PRO A 269 35.15 -7.15 5.83
C PRO A 269 35.22 -8.30 6.82
N SER A 270 35.06 -8.04 8.11
CA SER A 270 35.13 -9.10 9.11
C SER A 270 34.23 -8.74 10.28
N ASP A 271 33.86 -9.76 11.04
CA ASP A 271 32.94 -9.61 12.16
C ASP A 271 33.36 -10.58 13.26
N LYS A 272 33.53 -10.07 14.47
CA LYS A 272 33.81 -10.94 15.60
C LYS A 272 32.54 -11.64 16.09
N VAL A 273 31.41 -10.92 16.08
CA VAL A 273 30.15 -11.47 16.60
C VAL A 273 29.60 -12.55 15.66
N TYR A 274 29.68 -12.30 14.35
CA TYR A 274 29.27 -13.32 13.39
C TYR A 274 30.27 -14.47 13.31
N GLU A 275 31.49 -14.27 13.79
CA GLU A 275 32.38 -15.40 14.03
C GLU A 275 32.00 -16.14 15.31
N ASP A 276 31.36 -15.45 16.27
CA ASP A 276 31.00 -16.11 17.52
C ASP A 276 29.76 -16.99 17.36
N GLU A 277 28.62 -16.41 16.98
CA GLU A 277 27.43 -17.26 16.84
C GLU A 277 27.34 -17.98 15.50
N HIS A 278 28.28 -17.80 14.58
CA HIS A 278 28.43 -18.68 13.42
C HIS A 278 29.91 -19.05 13.25
N PRO A 279 30.40 -20.05 14.00
CA PRO A 279 31.84 -20.38 13.91
C PRO A 279 32.20 -21.21 12.69
N ASN A 280 31.24 -21.91 12.09
CA ASN A 280 31.53 -22.86 11.02
C ASN A 280 31.58 -22.26 9.63
N ASP A 281 31.28 -20.97 9.47
CA ASP A 281 31.29 -20.36 8.15
C ASP A 281 32.72 -20.04 7.72
N ASP A 282 32.89 -19.86 6.41
CA ASP A 282 34.21 -19.60 5.85
C ASP A 282 34.67 -18.17 6.12
N SER A 283 33.75 -17.21 6.10
CA SER A 283 34.07 -15.82 6.36
C SER A 283 32.90 -15.16 7.07
N SER A 284 33.21 -14.09 7.80
CA SER A 284 32.21 -13.32 8.53
C SER A 284 31.93 -11.97 7.90
N ARG A 285 32.00 -11.89 6.57
CA ARG A 285 31.79 -10.61 5.89
C ARG A 285 30.29 -10.28 5.83
N ARG A 286 29.99 -8.98 5.85
CA ARG A 286 28.63 -8.49 5.77
C ARG A 286 28.54 -7.51 4.62
N TRP A 287 27.46 -7.58 3.84
CA TRP A 287 27.32 -6.61 2.76
C TRP A 287 25.86 -6.31 2.48
N LEU A 288 25.61 -5.08 2.05
CA LEU A 288 24.31 -4.58 1.63
C LEU A 288 24.46 -3.95 0.26
N PHE A 289 23.57 -4.29 -0.67
CA PHE A 289 23.48 -3.57 -1.93
C PHE A 289 22.05 -3.10 -2.12
N TYR A 290 21.90 -1.80 -2.38
CA TYR A 290 20.60 -1.17 -2.54
C TYR A 290 20.61 -0.33 -3.81
N TRP A 291 19.50 -0.36 -4.55
CA TRP A 291 19.37 0.45 -5.75
C TRP A 291 17.91 0.85 -5.88
N ASN A 292 17.64 2.14 -5.86
CA ASN A 292 16.28 2.66 -6.05
C ASN A 292 16.33 3.63 -7.21
N HIS A 293 15.72 3.24 -8.32
CA HIS A 293 15.63 4.06 -9.53
C HIS A 293 14.17 4.26 -9.88
N SER A 294 13.81 5.50 -10.22
CA SER A 294 12.47 5.79 -10.70
C SER A 294 12.55 6.86 -11.76
N GLY A 295 11.87 6.64 -12.88
CA GLY A 295 11.84 7.69 -13.88
C GLY A 295 10.94 7.47 -15.08
N VAL A 296 10.52 8.57 -15.70
CA VAL A 296 9.77 8.56 -16.94
C VAL A 296 10.57 9.34 -17.97
N MET A 297 10.96 8.67 -19.05
CA MET A 297 11.66 9.29 -20.17
C MET A 297 10.68 9.49 -21.32
N ASP A 298 10.62 10.73 -21.84
CA ASP A 298 9.85 11.18 -23.00
C ASP A 298 8.34 10.94 -22.85
N GLN A 299 7.84 10.93 -21.62
CA GLN A 299 6.46 10.72 -21.14
C GLN A 299 5.88 9.34 -21.43
N VAL A 300 6.61 8.43 -22.09
CA VAL A 300 6.08 7.14 -22.48
C VAL A 300 6.91 5.98 -21.90
N TRP A 301 8.17 6.22 -21.54
CA TRP A 301 9.01 5.14 -21.02
C TRP A 301 9.10 5.24 -19.50
N ARG A 302 8.78 4.14 -18.81
CA ARG A 302 8.82 4.11 -17.35
C ARG A 302 9.84 3.07 -16.91
N PHE A 303 10.79 3.50 -16.08
CA PHE A 303 11.82 2.62 -15.54
C PHE A 303 11.77 2.66 -14.02
N ASN A 304 11.58 1.50 -13.39
CA ASN A 304 11.58 1.41 -11.93
C ASN A 304 12.44 0.24 -11.50
N VAL A 305 13.41 0.53 -10.62
CA VAL A 305 14.27 -0.49 -10.01
C VAL A 305 14.15 -0.35 -8.50
N ASP A 306 13.86 -1.46 -7.81
CA ASP A 306 13.82 -1.48 -6.35
C ASP A 306 14.55 -2.73 -5.89
N TYR A 307 15.85 -2.60 -5.65
CA TYR A 307 16.75 -3.74 -5.46
C TYR A 307 17.36 -3.64 -4.07
N THR A 308 17.31 -4.75 -3.31
CA THR A 308 17.86 -4.80 -1.97
C THR A 308 18.36 -6.21 -1.73
N LYS A 309 19.68 -6.39 -1.66
CA LYS A 309 20.22 -7.71 -1.38
C LYS A 309 21.20 -7.63 -0.22
N VAL A 310 21.02 -8.53 0.75
CA VAL A 310 21.84 -8.59 1.95
C VAL A 310 22.66 -9.87 1.92
N SER A 311 23.70 -9.90 2.75
CA SER A 311 24.53 -11.10 2.86
C SER A 311 23.86 -12.19 3.68
N ASP A 312 23.16 -11.80 4.75
CA ASP A 312 22.66 -12.73 5.74
C ASP A 312 21.27 -12.26 6.16
N PRO A 313 20.38 -13.19 6.58
CA PRO A 313 19.02 -12.76 6.94
C PRO A 313 18.90 -12.00 8.25
N SER A 314 19.96 -11.91 9.06
CA SER A 314 19.94 -11.13 10.28
C SER A 314 20.71 -9.82 10.15
N TYR A 315 20.66 -9.18 8.99
CA TYR A 315 21.45 -7.97 8.76
C TYR A 315 20.80 -6.77 9.43
N PHE A 316 19.49 -6.58 9.21
CA PHE A 316 18.83 -5.36 9.67
C PHE A 316 18.53 -5.36 11.16
N ASN A 317 18.66 -6.50 11.83
CA ASN A 317 18.60 -6.54 13.28
C ASN A 317 19.91 -6.10 13.92
N ASP A 318 20.99 -6.00 13.14
CA ASP A 318 22.32 -5.68 13.65
C ASP A 318 22.79 -4.27 13.31
N PHE A 319 22.46 -3.75 12.14
CA PHE A 319 23.01 -2.48 11.69
C PHE A 319 21.90 -1.45 11.55
N ASP A 320 22.28 -0.27 11.03
CA ASP A 320 21.38 0.87 10.97
C ASP A 320 20.29 0.67 9.91
N ASN A 321 19.15 1.32 10.14
CA ASN A 321 17.94 1.14 9.35
C ASN A 321 17.71 2.42 8.55
N LYS A 322 18.30 2.50 7.37
CA LYS A 322 18.15 3.66 6.51
C LYS A 322 17.30 3.37 5.28
N TYR A 323 17.63 2.32 4.53
CA TYR A 323 16.86 1.90 3.37
C TYR A 323 16.15 0.58 3.60
N GLY A 324 16.44 -0.12 4.68
CA GLY A 324 15.65 -1.26 5.11
C GLY A 324 15.22 -1.07 6.55
N SER A 325 14.64 -2.13 7.11
CA SER A 325 14.15 -2.06 8.48
C SER A 325 14.26 -3.43 9.12
N SER A 326 14.33 -3.43 10.46
CA SER A 326 14.27 -4.68 11.22
C SER A 326 12.86 -5.24 11.27
N THR A 327 11.85 -4.42 11.00
CA THR A 327 10.48 -4.90 10.86
C THR A 327 10.26 -5.68 9.58
N ASP A 328 11.13 -5.51 8.58
CA ASP A 328 10.95 -6.17 7.29
C ASP A 328 11.24 -7.66 7.38
N GLY A 329 10.35 -8.48 6.83
CA GLY A 329 10.52 -9.91 6.81
C GLY A 329 11.15 -10.47 5.56
N TYR A 330 11.28 -9.65 4.52
CA TYR A 330 11.90 -10.08 3.27
C TYR A 330 12.49 -8.87 2.57
N ALA A 331 13.38 -9.15 1.63
CA ALA A 331 14.04 -8.13 0.81
C ALA A 331 13.55 -8.28 -0.63
N THR A 332 13.32 -7.15 -1.28
CA THR A 332 12.75 -7.09 -2.62
C THR A 332 13.83 -6.79 -3.66
N GLN A 333 13.68 -7.41 -4.84
CA GLN A 333 14.53 -7.18 -6.00
C GLN A 333 13.60 -7.09 -7.21
N LYS A 334 13.29 -5.85 -7.63
CA LYS A 334 12.37 -5.60 -8.74
C LYS A 334 13.04 -4.80 -9.83
N PHE A 335 12.80 -5.20 -11.08
CA PHE A 335 13.04 -4.37 -12.25
C PHE A 335 11.75 -4.30 -13.06
N SER A 336 11.47 -3.12 -13.61
CA SER A 336 10.28 -3.00 -14.47
C SER A 336 10.52 -1.91 -15.50
N VAL A 337 10.32 -2.28 -16.77
CA VAL A 337 10.40 -1.38 -17.90
C VAL A 337 9.06 -1.40 -18.61
N GLY A 338 8.43 -0.24 -18.74
CA GLY A 338 7.11 -0.16 -19.35
C GLY A 338 7.02 0.92 -20.40
N TYR A 339 6.18 0.66 -21.39
CA TYR A 339 5.83 1.65 -22.42
C TYR A 339 4.36 1.97 -22.23
N ALA A 340 4.04 3.24 -22.03
CA ALA A 340 2.68 3.67 -21.73
C ALA A 340 2.30 4.86 -22.58
N VAL A 341 1.32 4.68 -23.46
CA VAL A 341 0.62 5.76 -24.13
C VAL A 341 -0.83 5.70 -23.70
N GLN A 342 -1.64 6.65 -24.19
CA GLN A 342 -2.92 7.04 -23.59
C GLN A 342 -3.96 5.90 -23.63
N ASN A 343 -3.85 4.99 -24.59
N ASN A 343 -3.84 4.99 -24.59
CA ASN A 343 -4.77 3.86 -24.67
CA ASN A 343 -4.76 3.87 -24.71
C ASN A 343 -4.05 2.52 -24.62
C ASN A 343 -4.05 2.51 -24.62
N PHE A 344 -2.75 2.50 -24.33
CA PHE A 344 -2.00 1.24 -24.39
C PHE A 344 -0.82 1.28 -23.44
N ASN A 345 -0.72 0.28 -22.58
CA ASN A 345 0.50 0.13 -21.80
C ASN A 345 0.98 -1.31 -21.81
N ALA A 346 2.29 -1.49 -21.75
CA ALA A 346 2.91 -2.80 -21.78
C ALA A 346 4.18 -2.75 -20.93
N THR A 347 4.22 -3.56 -19.88
CA THR A 347 5.27 -3.51 -18.89
C THR A 347 5.87 -4.90 -18.71
N VAL A 348 7.19 -5.01 -18.89
CA VAL A 348 7.93 -6.22 -18.56
C VAL A 348 8.58 -5.98 -17.19
N SER A 349 8.67 -7.04 -16.39
CA SER A 349 9.14 -6.90 -15.01
C SER A 349 9.78 -8.20 -14.55
N THR A 350 10.59 -8.07 -13.51
CA THR A 350 11.26 -9.18 -12.86
C THR A 350 11.16 -8.93 -11.35
N LYS A 351 10.60 -9.91 -10.64
CA LYS A 351 10.32 -9.79 -9.22
C LYS A 351 10.93 -10.98 -8.50
N GLN A 352 12.01 -10.76 -7.76
CA GLN A 352 12.65 -11.77 -6.94
C GLN A 352 12.66 -11.27 -5.51
N PHE A 353 12.40 -12.17 -4.56
CA PHE A 353 12.37 -11.87 -3.12
C PHE A 353 13.32 -12.79 -2.38
N GLN A 354 13.88 -12.29 -1.27
CA GLN A 354 14.74 -13.07 -0.39
C GLN A 354 14.13 -13.02 1.01
N VAL A 355 13.79 -14.18 1.56
CA VAL A 355 13.01 -14.27 2.80
C VAL A 355 13.96 -14.42 3.99
N PHE A 356 13.74 -13.60 5.03
CA PHE A 356 14.61 -13.57 6.18
C PHE A 356 14.28 -14.64 7.22
N SER A 357 13.03 -15.08 7.30
CA SER A 357 12.62 -16.00 8.36
C SER A 357 13.11 -17.41 8.07
N GLU A 358 13.68 -18.04 9.10
CA GLU A 358 14.24 -19.38 8.97
C GLU A 358 13.22 -20.46 9.35
N GLN A 359 12.10 -20.47 8.63
CA GLN A 359 11.13 -21.56 8.68
C GLN A 359 10.98 -22.24 7.32
N ASN A 360 10.83 -21.44 6.27
CA ASN A 360 10.87 -21.94 4.89
C ASN A 360 11.36 -20.79 4.02
N THR A 361 12.57 -20.93 3.47
CA THR A 361 13.17 -19.87 2.66
C THR A 361 12.75 -19.96 1.20
N SER A 362 11.90 -20.91 0.83
CA SER A 362 11.42 -21.01 -0.54
C SER A 362 10.41 -19.92 -0.83
N SER A 363 10.65 -19.16 -1.90
CA SER A 363 9.72 -18.14 -2.35
C SER A 363 9.74 -18.11 -3.87
N TYR A 364 8.57 -17.94 -4.46
CA TYR A 364 8.45 -17.94 -5.90
C TYR A 364 8.85 -16.59 -6.47
N SER A 365 9.22 -16.60 -7.75
CA SER A 365 9.69 -15.40 -8.44
C SER A 365 9.18 -15.41 -9.86
N ALA A 366 8.90 -14.23 -10.38
CA ALA A 366 8.39 -14.03 -11.72
C ALA A 366 9.56 -13.62 -12.63
N GLU A 367 9.99 -14.54 -13.49
CA GLU A 367 11.15 -14.31 -14.35
C GLU A 367 10.83 -14.71 -15.78
N PRO A 368 10.34 -13.78 -16.61
CA PRO A 368 9.84 -12.43 -16.28
C PRO A 368 8.32 -12.41 -16.16
N GLN A 369 7.73 -11.22 -16.16
CA GLN A 369 6.27 -11.06 -16.17
C GLN A 369 5.93 -9.92 -17.11
N LEU A 370 5.06 -10.18 -18.08
CA LEU A 370 4.65 -9.19 -19.07
C LEU A 370 3.17 -8.88 -18.91
N ASP A 371 2.86 -7.59 -18.78
CA ASP A 371 1.50 -7.09 -18.60
C ASP A 371 1.14 -6.17 -19.76
N VAL A 372 0.04 -6.46 -20.45
CA VAL A 372 -0.43 -5.66 -21.58
C VAL A 372 -1.86 -5.21 -21.28
N ASN A 373 -2.11 -3.90 -21.37
CA ASN A 373 -3.44 -3.33 -21.24
C ASN A 373 -3.75 -2.51 -22.48
N TYR A 374 -4.93 -2.75 -23.07
CA TYR A 374 -5.42 -1.94 -24.18
C TYR A 374 -6.85 -1.50 -23.87
N TYR A 375 -7.16 -0.25 -24.19
CA TYR A 375 -8.43 0.36 -23.83
C TYR A 375 -9.04 1.02 -25.06
N GLN A 376 -10.37 0.98 -25.15
CA GLN A 376 -11.09 1.70 -26.20
C GLN A 376 -12.48 2.00 -25.66
N ASN A 377 -12.78 3.28 -25.46
CA ASN A 377 -13.94 3.70 -24.67
C ASN A 377 -15.08 4.26 -25.50
N ASP A 378 -15.12 4.01 -26.80
CA ASP A 378 -16.15 4.57 -27.65
C ASP A 378 -16.66 3.56 -28.67
N VAL A 379 -16.86 2.32 -28.25
CA VAL A 379 -17.41 1.29 -29.14
C VAL A 379 -18.92 1.27 -28.86
N GLY A 380 -19.64 2.06 -29.65
CA GLY A 380 -21.05 2.30 -29.45
C GLY A 380 -21.33 3.04 -28.16
N PRO A 381 -22.23 2.52 -27.32
CA PRO A 381 -22.32 2.98 -25.93
C PRO A 381 -21.46 2.18 -24.96
N PHE A 382 -20.72 1.19 -25.44
CA PHE A 382 -19.94 0.31 -24.59
C PHE A 382 -18.50 0.77 -24.53
N ASP A 383 -17.85 0.53 -23.39
CA ASP A 383 -16.41 0.70 -23.26
C ASP A 383 -15.77 -0.69 -23.16
N THR A 384 -14.76 -0.93 -23.98
CA THR A 384 -14.07 -2.21 -24.03
C THR A 384 -12.62 -2.05 -23.56
N ARG A 385 -12.10 -3.11 -22.96
CA ARG A 385 -10.70 -3.17 -22.59
C ARG A 385 -10.26 -4.63 -22.60
N ILE A 386 -8.95 -4.82 -22.71
CA ILE A 386 -8.37 -6.16 -22.70
C ILE A 386 -7.06 -6.13 -21.92
N TYR A 387 -6.84 -7.16 -21.11
CA TYR A 387 -5.65 -7.30 -20.29
C TYR A 387 -5.03 -8.68 -20.53
N GLY A 388 -3.75 -8.69 -20.90
CA GLY A 388 -3.03 -9.93 -21.10
C GLY A 388 -1.82 -9.99 -20.19
N GLN A 389 -1.46 -11.22 -19.83
CA GLN A 389 -0.33 -11.43 -18.92
C GLN A 389 0.38 -12.72 -19.28
N ALA A 390 1.70 -12.64 -19.38
CA ALA A 390 2.53 -13.84 -19.56
C ALA A 390 3.58 -13.86 -18.46
N VAL A 391 3.53 -14.85 -17.59
CA VAL A 391 4.40 -14.88 -16.43
C VAL A 391 4.98 -16.28 -16.22
N HIS A 392 6.28 -16.33 -15.97
CA HIS A 392 7.00 -17.57 -15.68
C HIS A 392 7.35 -17.60 -14.20
N PHE A 393 6.83 -18.59 -13.48
CA PHE A 393 7.06 -18.75 -12.05
C PHE A 393 8.14 -19.79 -11.81
N VAL A 394 9.20 -19.39 -11.11
CA VAL A 394 10.29 -20.29 -10.77
C VAL A 394 10.62 -20.08 -9.29
N ASN A 395 10.98 -21.16 -8.60
CA ASN A 395 11.22 -21.11 -7.16
C ASN A 395 12.71 -21.37 -6.92
N THR A 396 13.19 -20.93 -5.75
CA THR A 396 14.59 -21.10 -5.40
C THR A 396 14.95 -22.56 -5.19
N ARG A 397 14.07 -23.34 -4.58
CA ARG A 397 14.31 -24.77 -4.45
C ARG A 397 14.07 -25.49 -5.78
N ASP A 398 14.86 -26.53 -6.01
CA ASP A 398 14.81 -27.27 -7.26
C ASP A 398 13.81 -28.42 -7.30
N ASP A 399 13.19 -28.76 -6.16
CA ASP A 399 12.21 -29.83 -6.10
C ASP A 399 10.78 -29.31 -6.10
N MET A 400 10.59 -28.05 -6.25
CA MET A 400 9.30 -27.37 -6.23
C MET A 400 8.84 -27.07 -7.66
N PRO A 401 7.56 -27.19 -7.98
CA PRO A 401 7.15 -27.08 -9.39
C PRO A 401 7.11 -25.67 -9.96
N GLU A 402 7.52 -25.56 -11.22
CA GLU A 402 7.59 -24.31 -11.95
C GLU A 402 6.41 -24.21 -12.91
N ALA A 403 6.12 -22.99 -13.36
CA ALA A 403 4.94 -22.81 -14.20
C ALA A 403 5.14 -21.69 -15.22
N THR A 404 4.30 -21.75 -16.26
CA THR A 404 4.13 -20.68 -17.22
C THR A 404 2.65 -20.40 -17.37
N ARG A 405 2.23 -19.19 -17.04
CA ARG A 405 0.86 -18.73 -17.16
C ARG A 405 0.70 -17.77 -18.34
N VAL A 406 -0.32 -18.00 -19.14
CA VAL A 406 -0.76 -17.07 -20.18
C VAL A 406 -2.22 -16.75 -19.90
N HIS A 407 -2.54 -15.47 -19.72
CA HIS A 407 -3.86 -15.03 -19.32
C HIS A 407 -4.38 -13.93 -20.25
N LEU A 408 -5.63 -14.07 -20.66
CA LEU A 408 -6.35 -13.06 -21.41
C LEU A 408 -7.63 -12.69 -20.69
N GLU A 409 -7.97 -11.41 -20.72
CA GLU A 409 -9.14 -10.90 -20.01
C GLU A 409 -9.79 -9.83 -20.89
N PRO A 410 -10.78 -10.22 -21.70
CA PRO A 410 -11.57 -9.23 -22.44
C PRO A 410 -12.79 -8.79 -21.64
N THR A 411 -13.08 -7.49 -21.70
CA THR A 411 -14.05 -6.87 -20.82
C THR A 411 -14.85 -5.82 -21.58
N ILE A 412 -16.17 -5.88 -21.48
CA ILE A 412 -17.03 -4.80 -21.95
C ILE A 412 -17.86 -4.31 -20.77
N ASN A 413 -18.20 -3.01 -20.78
CA ASN A 413 -19.15 -2.48 -19.82
C ASN A 413 -19.99 -1.35 -20.41
N LEU A 414 -21.23 -1.28 -19.93
CA LEU A 414 -22.17 -0.22 -20.26
C LEU A 414 -22.42 0.63 -19.03
N PRO A 415 -21.92 1.87 -18.99
CA PRO A 415 -22.32 2.79 -17.92
C PRO A 415 -23.46 3.72 -18.30
N LEU A 416 -24.39 3.91 -17.38
CA LEU A 416 -25.45 4.91 -17.53
C LEU A 416 -25.45 5.77 -16.28
N SER A 417 -25.72 7.06 -16.44
CA SER A 417 -25.65 7.98 -15.32
C SER A 417 -26.74 9.04 -15.44
N ASN A 418 -27.14 9.56 -14.30
CA ASN A 418 -28.06 10.69 -14.21
C ASN A 418 -27.48 11.75 -13.29
N ASN A 419 -28.30 12.74 -12.94
CA ASN A 419 -27.90 13.74 -11.96
C ASN A 419 -27.93 13.20 -10.54
N TRP A 420 -28.61 12.08 -10.33
CA TRP A 420 -28.89 11.52 -9.01
C TRP A 420 -28.45 10.09 -8.81
N GLY A 421 -28.12 9.35 -9.88
CA GLY A 421 -27.72 7.97 -9.74
C GLY A 421 -26.91 7.51 -10.92
N SER A 422 -26.36 6.30 -10.78
CA SER A 422 -25.56 5.70 -11.85
C SER A 422 -25.69 4.19 -11.76
N ILE A 423 -25.54 3.52 -12.90
CA ILE A 423 -25.56 2.07 -12.99
C ILE A 423 -24.48 1.66 -14.00
N ASN A 424 -23.84 0.52 -13.76
CA ASN A 424 -22.74 0.04 -14.59
C ASN A 424 -22.85 -1.47 -14.70
N THR A 425 -22.99 -1.96 -15.93
CA THR A 425 -23.09 -3.39 -16.17
C THR A 425 -21.84 -3.86 -16.91
N GLU A 426 -21.13 -4.82 -16.32
CA GLU A 426 -19.82 -5.21 -16.83
C GLU A 426 -19.76 -6.72 -17.02
N ALA A 427 -19.44 -7.12 -18.25
CA ALA A 427 -19.29 -8.51 -18.64
C ALA A 427 -17.82 -8.78 -18.94
N LYS A 428 -17.31 -9.91 -18.50
CA LYS A 428 -15.88 -10.15 -18.50
C LYS A 428 -15.62 -11.63 -18.76
N PHE A 429 -14.58 -11.92 -19.53
CA PHE A 429 -14.08 -13.28 -19.69
C PHE A 429 -12.70 -13.40 -19.07
N LEU A 430 -12.37 -14.59 -18.58
CA LEU A 430 -11.04 -14.88 -18.07
C LEU A 430 -10.59 -16.20 -18.69
N ALA A 431 -9.56 -16.13 -19.54
CA ALA A 431 -8.99 -17.32 -20.16
C ALA A 431 -7.57 -17.47 -19.63
N THR A 432 -7.25 -18.66 -19.12
CA THR A 432 -6.00 -18.90 -18.44
C THR A 432 -5.43 -20.24 -18.87
N HIS A 433 -4.15 -20.25 -19.27
CA HIS A 433 -3.43 -21.47 -19.59
C HIS A 433 -2.23 -21.61 -18.67
N TYR A 434 -2.14 -22.76 -18.01
CA TYR A 434 -1.00 -23.15 -17.19
C TYR A 434 -0.24 -24.27 -17.85
N GLN A 435 1.09 -24.11 -17.93
CA GLN A 435 2.00 -25.20 -18.22
C GLN A 435 2.87 -25.41 -16.98
N GLN A 436 2.70 -26.55 -16.32
CA GLN A 436 3.36 -26.82 -15.05
C GLN A 436 4.37 -27.95 -15.21
N THR A 437 5.59 -27.72 -14.74
CA THR A 437 6.67 -28.70 -14.80
C THR A 437 7.29 -28.85 -13.42
N ASN A 438 8.24 -29.80 -13.33
CA ASN A 438 8.90 -30.25 -12.09
C ASN A 438 7.89 -30.73 -11.05
N LEU A 439 7.00 -31.63 -11.49
CA LEU A 439 5.80 -31.99 -10.74
C LEU A 439 5.95 -33.24 -9.89
N ASP A 440 7.13 -33.86 -9.86
CA ASP A 440 7.25 -35.21 -9.30
C ASP A 440 7.25 -35.21 -7.77
N TRP A 441 7.92 -34.23 -7.16
CA TRP A 441 8.11 -34.25 -5.72
C TRP A 441 6.82 -33.87 -4.98
N TYR A 442 6.03 -32.97 -5.57
CA TYR A 442 4.73 -32.62 -4.97
C TYR A 442 3.73 -33.76 -5.13
N ASN A 443 3.75 -34.44 -6.27
CA ASN A 443 2.83 -35.56 -6.47
C ASN A 443 3.27 -36.82 -5.74
N SER A 444 4.52 -36.87 -5.27
CA SER A 444 4.97 -38.02 -4.51
C SER A 444 4.54 -37.99 -3.04
N ARG A 445 3.94 -36.90 -2.56
CA ARG A 445 3.59 -36.81 -1.14
C ARG A 445 2.26 -36.14 -0.81
N ASN A 446 1.51 -35.66 -1.79
CA ASN A 446 0.18 -35.10 -1.56
C ASN A 446 -0.89 -35.95 -2.22
N THR A 447 -2.09 -35.93 -1.63
CA THR A 447 -3.20 -36.71 -2.15
C THR A 447 -3.71 -36.16 -3.48
N THR A 448 -3.97 -34.86 -3.53
CA THR A 448 -4.38 -34.23 -4.78
C THR A 448 -3.18 -34.08 -5.71
N LYS A 449 -3.46 -34.02 -7.01
CA LYS A 449 -2.43 -34.06 -8.04
C LYS A 449 -2.54 -32.84 -8.93
N LEU A 450 -1.43 -32.13 -9.10
CA LEU A 450 -1.39 -31.04 -10.07
C LEU A 450 -1.17 -31.61 -11.46
N ASP A 451 -1.86 -31.02 -12.44
CA ASP A 451 -1.72 -31.44 -13.84
C ASP A 451 -0.79 -30.49 -14.58
N GLU A 452 -0.16 -31.01 -15.63
CA GLU A 452 0.90 -30.28 -16.32
C GLU A 452 0.36 -29.28 -17.33
N SER A 453 -0.91 -29.38 -17.69
CA SER A 453 -1.53 -28.50 -18.68
C SER A 453 -2.96 -28.21 -18.26
N VAL A 454 -3.21 -26.98 -17.81
CA VAL A 454 -4.50 -26.62 -17.25
C VAL A 454 -5.09 -25.46 -18.05
N ASN A 455 -6.31 -25.66 -18.57
CA ASN A 455 -7.05 -24.60 -19.23
C ASN A 455 -8.23 -24.20 -18.36
N ARG A 456 -8.44 -22.89 -18.21
CA ARG A 456 -9.45 -22.34 -17.31
C ARG A 456 -10.11 -21.14 -17.97
N VAL A 457 -11.30 -21.35 -18.52
CA VAL A 457 -12.06 -20.31 -19.23
C VAL A 457 -13.34 -20.10 -18.45
N MET A 458 -13.58 -18.84 -18.03
CA MET A 458 -14.61 -18.59 -17.04
C MET A 458 -15.20 -17.17 -17.12
N PRO A 459 -16.54 -17.03 -17.09
CA PRO A 459 -17.14 -15.71 -17.18
C PRO A 459 -17.11 -14.93 -15.87
N GLN A 460 -17.57 -13.69 -15.96
CA GLN A 460 -17.84 -12.84 -14.80
C GLN A 460 -18.88 -11.81 -15.19
N PHE A 461 -19.95 -11.73 -14.41
CA PHE A 461 -21.03 -10.78 -14.64
C PHE A 461 -21.17 -9.90 -13.41
N LYS A 462 -21.22 -8.58 -13.60
CA LYS A 462 -21.27 -7.68 -12.46
C LYS A 462 -22.18 -6.50 -12.77
N VAL A 463 -23.07 -6.18 -11.82
CA VAL A 463 -23.98 -5.05 -11.92
C VAL A 463 -23.73 -4.16 -10.71
N ASP A 464 -23.40 -2.89 -10.94
CA ASP A 464 -23.16 -1.93 -9.87
C ASP A 464 -24.17 -0.81 -9.99
N GLY A 465 -24.67 -0.34 -8.85
CA GLY A 465 -25.61 0.77 -8.83
C GLY A 465 -25.36 1.71 -7.67
N LYS A 466 -25.24 3.00 -7.94
CA LYS A 466 -24.95 3.99 -6.93
C LYS A 466 -26.06 5.03 -6.94
N MET A 467 -26.52 5.39 -5.74
CA MET A 467 -27.76 6.14 -5.55
C MET A 467 -27.41 7.33 -4.66
N VAL A 468 -27.94 8.51 -4.94
CA VAL A 468 -27.55 9.72 -4.19
C VAL A 468 -28.81 10.48 -3.76
N PHE A 469 -28.92 10.77 -2.45
CA PHE A 469 -29.94 11.69 -1.92
C PHE A 469 -29.25 12.83 -1.18
N GLU A 470 -29.90 14.00 -1.17
CA GLU A 470 -29.43 15.15 -0.40
C GLU A 470 -30.50 15.62 0.57
N ARG A 471 -30.06 16.38 1.56
CA ARG A 471 -30.94 17.03 2.53
C ARG A 471 -30.22 18.27 3.05
N ASP A 472 -30.96 19.36 3.22
CA ASP A 472 -30.44 20.55 3.88
C ASP A 472 -30.71 20.37 5.36
N MET A 473 -29.64 20.21 6.15
CA MET A 473 -29.78 19.95 7.58
C MET A 473 -29.61 21.29 8.31
N GLU A 474 -30.58 21.61 9.16
CA GLU A 474 -30.64 22.92 9.80
C GLU A 474 -30.51 22.85 11.32
N MET A 475 -30.64 21.65 11.91
CA MET A 475 -30.60 21.54 13.36
C MET A 475 -29.17 21.60 13.89
N LEU A 476 -28.18 21.40 13.03
CA LEU A 476 -26.79 21.58 13.44
C LEU A 476 -26.34 23.01 13.17
N ALA A 477 -26.38 23.45 11.92
CA ALA A 477 -26.07 24.80 11.50
C ALA A 477 -26.78 25.07 10.18
N PRO A 478 -27.15 26.33 9.88
CA PRO A 478 -27.74 26.63 8.58
C PRO A 478 -26.70 26.53 7.46
N GLY A 479 -27.15 26.03 6.31
CA GLY A 479 -26.29 25.86 5.17
C GLY A 479 -25.57 24.53 5.07
N TYR A 480 -25.70 23.67 6.07
CA TYR A 480 -25.03 22.38 6.04
C TYR A 480 -25.85 21.37 5.25
N THR A 481 -25.16 20.53 4.49
CA THR A 481 -25.80 19.59 3.59
C THR A 481 -25.41 18.15 3.94
N GLN A 482 -26.40 17.29 4.07
CA GLN A 482 -26.17 15.87 4.33
C GLN A 482 -26.60 15.05 3.14
N THR A 483 -25.67 14.26 2.61
CA THR A 483 -25.95 13.37 1.48
C THR A 483 -25.93 11.93 1.96
N LEU A 484 -26.95 11.17 1.57
CA LEU A 484 -27.07 9.75 1.88
C LEU A 484 -26.89 8.98 0.59
N GLU A 485 -25.87 8.12 0.55
CA GLU A 485 -25.49 7.41 -0.68
C GLU A 485 -25.60 5.90 -0.52
N PRO A 486 -26.68 5.29 -0.99
CA PRO A 486 -26.70 3.83 -1.12
C PRO A 486 -25.86 3.35 -2.30
N ARG A 487 -25.42 2.10 -2.19
CA ARG A 487 -24.67 1.46 -3.27
C ARG A 487 -24.94 -0.05 -3.20
N ALA A 488 -25.27 -0.63 -4.34
CA ALA A 488 -25.61 -2.05 -4.43
C ALA A 488 -24.83 -2.68 -5.55
N GLN A 489 -24.57 -3.98 -5.41
CA GLN A 489 -23.75 -4.69 -6.39
C GLN A 489 -24.10 -6.16 -6.44
N TYR A 490 -24.47 -6.66 -7.60
CA TYR A 490 -24.59 -8.10 -7.82
C TYR A 490 -23.38 -8.60 -8.58
N LEU A 491 -22.76 -9.67 -8.08
CA LEU A 491 -21.59 -10.27 -8.73
C LEU A 491 -21.81 -11.76 -8.87
N TYR A 492 -21.61 -12.27 -10.09
CA TYR A 492 -21.71 -13.70 -10.34
C TYR A 492 -20.47 -14.15 -11.09
N VAL A 493 -19.74 -15.08 -10.47
CA VAL A 493 -18.55 -15.74 -10.98
C VAL A 493 -18.80 -17.24 -10.84
N PRO A 494 -18.74 -18.02 -11.92
CA PRO A 494 -18.96 -19.47 -11.80
C PRO A 494 -17.80 -20.18 -11.11
N TYR A 495 -18.07 -21.39 -10.63
CA TYR A 495 -17.08 -22.14 -9.89
C TYR A 495 -16.28 -23.04 -10.82
N ARG A 496 -14.96 -22.89 -10.77
CA ARG A 496 -14.02 -23.78 -11.45
C ARG A 496 -13.08 -24.34 -10.40
N ASP A 497 -12.59 -25.56 -10.62
CA ASP A 497 -11.85 -26.30 -9.61
C ASP A 497 -10.38 -25.97 -9.82
N GLN A 498 -9.76 -25.33 -8.81
CA GLN A 498 -8.34 -24.98 -8.84
C GLN A 498 -7.51 -25.86 -7.92
N SER A 499 -7.91 -27.12 -7.70
CA SER A 499 -7.08 -28.01 -6.89
C SER A 499 -5.88 -28.51 -7.68
N ASP A 500 -5.97 -28.52 -9.00
CA ASP A 500 -4.86 -28.91 -9.86
C ASP A 500 -3.93 -27.77 -10.22
N ILE A 501 -4.09 -26.61 -9.58
CA ILE A 501 -3.26 -25.44 -9.80
C ILE A 501 -2.58 -25.11 -8.47
N TYR A 502 -1.25 -25.00 -8.48
CA TYR A 502 -0.52 -24.55 -7.30
C TYR A 502 -0.81 -23.08 -7.05
N ASN A 503 -0.84 -22.70 -5.78
CA ASN A 503 -1.01 -21.30 -5.40
C ASN A 503 0.34 -20.62 -5.46
N TYR A 504 0.62 -19.91 -6.55
CA TYR A 504 1.89 -19.20 -6.67
C TYR A 504 1.77 -17.75 -6.22
N ASP A 505 0.81 -17.00 -6.77
CA ASP A 505 0.77 -15.57 -6.52
C ASP A 505 -0.62 -15.07 -6.10
N SER A 506 -1.41 -15.89 -5.43
CA SER A 506 -2.72 -15.48 -4.94
C SER A 506 -2.75 -15.50 -3.42
N SER A 507 -3.12 -14.37 -2.83
CA SER A 507 -3.29 -14.25 -1.40
C SER A 507 -4.67 -13.67 -1.11
N LEU A 508 -5.19 -13.97 0.07
CA LEU A 508 -6.53 -13.52 0.43
C LEU A 508 -6.52 -12.02 0.74
N LEU A 509 -7.48 -11.31 0.16
CA LEU A 509 -7.53 -9.86 0.22
C LEU A 509 -8.26 -9.41 1.48
N GLN A 510 -7.77 -8.32 2.08
CA GLN A 510 -8.46 -7.73 3.21
C GLN A 510 -9.64 -6.89 2.72
N SER A 511 -10.77 -7.02 3.42
CA SER A 511 -12.05 -6.47 2.96
C SER A 511 -12.46 -5.30 3.86
N ASP A 512 -12.06 -4.09 3.47
CA ASP A 512 -12.56 -2.85 4.06
C ASP A 512 -13.84 -2.45 3.33
N TYR A 513 -14.34 -1.22 3.57
CA TYR A 513 -15.62 -0.81 2.97
C TYR A 513 -15.51 -0.61 1.47
N SER A 514 -14.45 0.03 1.00
CA SER A 514 -14.25 0.09 -0.45
C SER A 514 -13.68 -1.21 -0.98
N GLY A 515 -13.10 -2.03 -0.10
CA GLY A 515 -12.74 -3.39 -0.44
C GLY A 515 -13.88 -4.38 -0.40
N LEU A 516 -15.06 -3.94 0.05
CA LEU A 516 -16.26 -4.78 -0.04
C LEU A 516 -16.73 -4.92 -1.48
N PHE A 517 -16.52 -3.90 -2.29
CA PHE A 517 -17.10 -3.80 -3.61
C PHE A 517 -16.19 -4.31 -4.71
N ARG A 518 -15.25 -5.20 -4.38
CA ARG A 518 -14.33 -5.73 -5.38
C ARG A 518 -14.91 -6.95 -6.08
N ASP A 519 -14.43 -7.19 -7.30
CA ASP A 519 -14.80 -8.39 -8.04
C ASP A 519 -13.87 -9.58 -7.80
N ARG A 520 -12.87 -9.43 -6.93
CA ARG A 520 -11.91 -10.49 -6.65
C ARG A 520 -11.87 -10.76 -5.14
N THR A 521 -12.07 -12.02 -4.78
CA THR A 521 -11.86 -12.46 -3.41
C THR A 521 -10.38 -12.52 -3.05
N TYR A 522 -9.56 -13.11 -3.93
CA TYR A 522 -8.12 -13.17 -3.75
C TYR A 522 -7.46 -12.22 -4.74
N GLY A 523 -6.26 -11.77 -4.40
CA GLY A 523 -5.42 -11.10 -5.37
C GLY A 523 -4.75 -12.10 -6.29
N GLY A 524 -4.03 -11.58 -7.28
CA GLY A 524 -3.34 -12.46 -8.21
C GLY A 524 -4.31 -13.16 -9.16
N LEU A 525 -3.87 -14.33 -9.65
CA LEU A 525 -4.64 -15.05 -10.67
C LEU A 525 -4.71 -16.56 -10.49
N ASP A 526 -4.12 -17.13 -9.44
CA ASP A 526 -4.21 -18.59 -9.28
C ASP A 526 -5.54 -18.99 -8.69
N ARG A 527 -5.94 -18.35 -7.59
CA ARG A 527 -7.18 -18.67 -6.90
C ARG A 527 -8.20 -17.58 -7.21
N ILE A 528 -9.23 -17.92 -7.97
CA ILE A 528 -10.37 -17.04 -8.20
C ILE A 528 -11.59 -17.77 -7.65
N ALA A 529 -12.17 -17.22 -6.58
CA ALA A 529 -13.28 -17.88 -5.92
C ALA A 529 -14.56 -17.66 -6.70
N SER A 530 -15.51 -18.59 -6.55
CA SER A 530 -16.84 -18.41 -7.11
C SER A 530 -17.58 -17.33 -6.36
N ALA A 531 -18.50 -16.67 -7.04
CA ALA A 531 -19.29 -15.61 -6.43
C ALA A 531 -20.72 -15.71 -6.89
N ASN A 532 -21.65 -15.66 -5.94
CA ASN A 532 -23.05 -15.37 -6.24
C ASN A 532 -23.45 -14.48 -5.07
N GLN A 533 -23.21 -13.18 -5.20
CA GLN A 533 -23.27 -12.34 -4.02
C GLN A 533 -23.85 -10.99 -4.36
N VAL A 534 -24.41 -10.34 -3.33
CA VAL A 534 -24.83 -8.95 -3.40
C VAL A 534 -24.11 -8.19 -2.29
N THR A 535 -23.61 -7.02 -2.62
CA THR A 535 -22.92 -6.16 -1.67
C THR A 535 -23.72 -4.87 -1.54
N THR A 536 -24.11 -4.55 -0.30
CA THR A 536 -24.90 -3.37 -0.03
C THR A 536 -24.16 -2.49 0.96
N GLY A 537 -23.90 -1.24 0.57
CA GLY A 537 -23.25 -0.29 1.44
C GLY A 537 -23.97 1.03 1.41
N VAL A 538 -23.71 1.85 2.42
CA VAL A 538 -24.30 3.18 2.51
C VAL A 538 -23.30 4.13 3.14
N THR A 539 -23.21 5.33 2.58
CA THR A 539 -22.28 6.37 3.01
C THR A 539 -23.02 7.67 3.26
N SER A 540 -22.91 8.20 4.47
CA SER A 540 -23.48 9.50 4.81
C SER A 540 -22.36 10.52 4.88
N ARG A 541 -22.54 11.63 4.17
CA ARG A 541 -21.57 12.72 4.14
C ARG A 541 -22.22 14.00 4.65
N ILE A 542 -21.47 14.77 5.43
CA ILE A 542 -21.90 16.07 5.91
C ILE A 542 -20.91 17.10 5.41
N TYR A 543 -21.41 18.01 4.57
CA TYR A 543 -20.71 19.15 4.00
C TYR A 543 -21.12 20.41 4.73
N ASP A 544 -20.18 21.35 4.86
CA ASP A 544 -20.45 22.63 5.49
C ASP A 544 -21.07 23.61 4.49
N ASP A 545 -21.14 24.90 4.87
CA ASP A 545 -21.76 25.90 4.02
C ASP A 545 -20.89 26.29 2.81
N ALA A 546 -19.60 25.96 2.84
CA ALA A 546 -18.70 26.22 1.74
C ALA A 546 -18.47 24.99 0.87
N ALA A 547 -19.34 23.98 0.99
CA ALA A 547 -19.31 22.69 0.28
C ALA A 547 -18.00 21.93 0.51
N VAL A 548 -17.45 22.03 1.71
CA VAL A 548 -16.25 21.31 2.11
C VAL A 548 -16.68 20.15 2.99
N GLU A 549 -16.18 18.96 2.69
CA GLU A 549 -16.61 17.75 3.40
C GLU A 549 -16.03 17.71 4.79
N ARG A 550 -16.90 17.70 5.79
CA ARG A 550 -16.50 17.65 7.19
C ARG A 550 -16.63 16.25 7.77
N PHE A 551 -17.70 15.53 7.46
CA PHE A 551 -17.92 14.23 8.07
C PHE A 551 -18.29 13.20 7.00
N ASN A 552 -17.79 11.97 7.16
CA ASN A 552 -18.39 10.85 6.46
C ASN A 552 -18.36 9.59 7.32
N ILE A 553 -19.41 8.78 7.17
CA ILE A 553 -19.52 7.48 7.79
C ILE A 553 -20.00 6.50 6.71
N SER A 554 -19.50 5.28 6.74
CA SER A 554 -19.81 4.28 5.74
C SER A 554 -19.97 2.93 6.41
N VAL A 555 -21.03 2.20 6.07
CA VAL A 555 -21.27 0.87 6.61
C VAL A 555 -21.86 0.00 5.52
N GLY A 556 -21.37 -1.24 5.40
CA GLY A 556 -21.84 -2.15 4.39
C GLY A 556 -21.67 -3.59 4.77
N GLN A 557 -22.21 -4.47 3.91
CA GLN A 557 -22.22 -5.90 4.12
C GLN A 557 -22.22 -6.62 2.78
N ILE A 558 -21.79 -7.89 2.81
CA ILE A 558 -21.91 -8.81 1.68
C ILE A 558 -22.82 -9.95 2.07
N TYR A 559 -23.83 -10.22 1.25
CA TYR A 559 -24.68 -11.39 1.36
C TYR A 559 -24.27 -12.36 0.26
N TYR A 560 -23.97 -13.60 0.65
CA TYR A 560 -23.57 -14.66 -0.27
C TYR A 560 -24.75 -15.60 -0.46
N PHE A 561 -25.21 -15.74 -1.70
CA PHE A 561 -26.27 -16.70 -1.98
C PHE A 561 -25.74 -18.13 -2.01
N THR A 562 -24.55 -18.33 -2.57
CA THR A 562 -23.87 -19.62 -2.56
C THR A 562 -22.53 -19.47 -1.86
N GLU A 563 -21.89 -20.62 -1.61
CA GLU A 563 -20.58 -20.62 -0.98
C GLU A 563 -19.51 -20.14 -1.94
N SER A 564 -18.66 -19.22 -1.47
CA SER A 564 -17.50 -18.79 -2.24
C SER A 564 -16.42 -19.86 -2.13
N ARG A 565 -16.41 -20.78 -3.08
CA ARG A 565 -15.49 -21.90 -3.09
C ARG A 565 -14.62 -21.86 -4.34
N THR A 566 -13.40 -22.37 -4.23
CA THR A 566 -12.41 -22.30 -5.29
C THR A 566 -11.82 -23.67 -5.65
N GLY A 567 -12.23 -24.72 -4.95
CA GLY A 567 -11.74 -26.07 -5.21
C GLY A 567 -10.96 -26.67 -4.06
N ASP A 568 -10.15 -25.85 -3.39
CA ASP A 568 -9.51 -26.25 -2.15
C ASP A 568 -9.76 -25.21 -1.07
N ASP A 569 -9.86 -25.67 0.18
CA ASP A 569 -10.24 -24.82 1.30
C ASP A 569 -9.21 -25.10 2.38
N ASN A 570 -8.06 -24.44 2.30
CA ASN A 570 -7.02 -24.59 3.32
C ASN A 570 -7.15 -23.56 4.43
N ILE A 571 -7.99 -22.53 4.27
CA ILE A 571 -8.26 -21.61 5.35
C ILE A 571 -9.26 -22.24 6.33
N THR A 572 -8.93 -22.16 7.61
CA THR A 572 -9.79 -22.70 8.67
C THR A 572 -10.78 -21.65 9.14
N TRP A 573 -11.93 -22.10 9.62
CA TRP A 573 -12.94 -21.23 10.19
C TRP A 573 -13.45 -21.82 11.50
N GLU A 574 -13.91 -20.93 12.38
CA GLU A 574 -14.39 -21.35 13.69
C GLU A 574 -15.84 -21.84 13.66
N ASN A 575 -16.57 -21.60 12.57
CA ASN A 575 -17.87 -22.23 12.37
C ASN A 575 -18.05 -22.51 10.88
N ASP A 576 -19.14 -23.21 10.55
CA ASP A 576 -19.42 -23.62 9.18
C ASP A 576 -20.42 -22.71 8.47
N ASP A 577 -20.36 -21.41 8.74
CA ASP A 577 -21.21 -20.46 8.04
C ASP A 577 -20.71 -20.28 6.61
N LYS A 578 -21.59 -20.50 5.64
CA LYS A 578 -21.19 -20.52 4.24
C LYS A 578 -21.97 -19.50 3.42
N THR A 579 -23.26 -19.37 3.69
CA THR A 579 -24.11 -18.43 2.97
C THR A 579 -24.68 -17.41 3.95
N GLY A 580 -25.15 -16.30 3.40
CA GLY A 580 -25.77 -15.24 4.18
C GLY A 580 -24.86 -14.05 4.36
N SER A 581 -25.27 -13.17 5.27
CA SER A 581 -24.51 -11.96 5.60
C SER A 581 -23.31 -12.37 6.45
N LEU A 582 -22.14 -12.43 5.83
CA LEU A 582 -20.95 -12.90 6.51
C LEU A 582 -19.90 -11.83 6.76
N VAL A 583 -19.74 -10.86 5.86
CA VAL A 583 -18.68 -9.87 5.97
C VAL A 583 -19.32 -8.49 6.11
N TRP A 584 -18.99 -7.79 7.19
CA TRP A 584 -19.46 -6.43 7.44
C TRP A 584 -18.26 -5.50 7.58
N ALA A 585 -18.41 -4.27 7.09
CA ALA A 585 -17.33 -3.29 7.16
C ALA A 585 -17.89 -1.92 7.45
N GLY A 586 -17.06 -1.07 8.06
CA GLY A 586 -17.44 0.30 8.34
C GLY A 586 -16.27 1.24 8.54
N ASP A 587 -16.31 2.39 7.87
CA ASP A 587 -15.30 3.44 7.97
C ASP A 587 -15.92 4.72 8.48
N THR A 588 -15.10 5.57 9.11
CA THR A 588 -15.53 6.91 9.48
C THR A 588 -14.35 7.88 9.46
N TYR A 589 -14.65 9.13 9.12
CA TYR A 589 -13.70 10.24 9.15
C TYR A 589 -14.46 11.50 9.54
N TRP A 590 -14.02 12.12 10.64
CA TRP A 590 -14.63 13.34 11.13
C TRP A 590 -13.53 14.39 11.23
N ARG A 591 -13.74 15.52 10.56
CA ARG A 591 -12.87 16.69 10.68
C ARG A 591 -13.56 17.61 11.67
N ILE A 592 -13.13 17.55 12.94
CA ILE A 592 -13.82 18.26 14.02
C ILE A 592 -13.61 19.77 13.89
N SER A 593 -12.38 20.18 13.62
CA SER A 593 -12.07 21.57 13.34
C SER A 593 -10.91 21.58 12.35
N GLU A 594 -10.25 22.73 12.22
CA GLU A 594 -9.06 22.82 11.36
C GLU A 594 -7.84 22.20 12.02
N ARG A 595 -7.89 21.91 13.31
CA ARG A 595 -6.76 21.33 14.04
C ARG A 595 -6.99 19.88 14.46
N TRP A 596 -8.23 19.46 14.63
CA TRP A 596 -8.60 18.13 15.11
C TRP A 596 -9.07 17.24 13.96
N GLY A 597 -8.85 15.94 14.12
CA GLY A 597 -9.40 14.97 13.19
C GLY A 597 -9.42 13.60 13.79
N LEU A 598 -10.38 12.78 13.36
CA LEU A 598 -10.42 11.38 13.80
C LEU A 598 -10.81 10.47 12.65
N ARG A 599 -10.16 9.30 12.61
CA ARG A 599 -10.47 8.24 11.68
C ARG A 599 -10.77 6.95 12.42
N GLY A 600 -11.65 6.15 11.84
CA GLY A 600 -11.98 4.86 12.41
C GLY A 600 -12.33 3.87 11.34
N GLY A 601 -12.05 2.60 11.62
CA GLY A 601 -12.39 1.52 10.71
C GLY A 601 -12.59 0.20 11.44
N ILE A 602 -13.71 -0.46 11.18
CA ILE A 602 -14.02 -1.73 11.80
C ILE A 602 -14.39 -2.73 10.69
N GLN A 603 -13.86 -3.95 10.82
CA GLN A 603 -14.10 -5.04 9.88
CA GLN A 603 -14.11 -5.02 9.88
C GLN A 603 -14.47 -6.28 10.66
N TYR A 604 -15.70 -6.75 10.48
CA TYR A 604 -16.25 -7.91 11.17
C TYR A 604 -16.49 -9.02 10.16
N ASP A 605 -16.17 -10.24 10.58
CA ASP A 605 -16.48 -11.45 9.81
C ASP A 605 -17.32 -12.36 10.70
N THR A 606 -18.44 -12.83 10.16
CA THR A 606 -19.31 -13.73 10.89
C THR A 606 -18.68 -15.12 11.01
N ARG A 607 -17.90 -15.53 10.02
CA ARG A 607 -17.20 -16.81 10.03
C ARG A 607 -16.09 -16.87 11.07
N LEU A 608 -15.59 -15.74 11.53
CA LEU A 608 -14.62 -15.70 12.63
C LEU A 608 -15.29 -15.58 13.98
N ASP A 609 -16.59 -15.22 13.99
CA ASP A 609 -17.42 -15.01 15.20
C ASP A 609 -16.83 -13.96 16.14
N ASN A 610 -16.20 -12.94 15.55
CA ASN A 610 -15.46 -11.91 16.26
C ASN A 610 -15.22 -10.79 15.24
N VAL A 611 -14.93 -9.59 15.76
CA VAL A 611 -14.44 -8.51 14.90
C VAL A 611 -13.08 -8.91 14.36
N ALA A 612 -12.92 -8.87 13.04
CA ALA A 612 -11.66 -9.30 12.43
C ALA A 612 -10.56 -8.28 12.67
N THR A 613 -10.70 -7.07 12.11
CA THR A 613 -9.70 -6.02 12.34
C THR A 613 -10.40 -4.73 12.74
N SER A 614 -9.64 -3.86 13.41
CA SER A 614 -10.13 -2.52 13.72
C SER A 614 -8.94 -1.58 13.89
N ASN A 615 -9.16 -0.33 13.53
CA ASN A 615 -8.17 0.72 13.77
C ASN A 615 -8.88 2.04 14.06
N SER A 616 -8.20 2.90 14.80
CA SER A 616 -8.72 4.23 15.10
C SER A 616 -7.56 5.18 15.33
N SER A 617 -7.82 6.47 15.11
CA SER A 617 -6.82 7.49 15.34
C SER A 617 -7.51 8.82 15.61
N ILE A 618 -6.96 9.59 16.54
CA ILE A 618 -7.35 10.98 16.76
C ILE A 618 -6.07 11.81 16.76
N GLU A 619 -6.14 12.99 16.16
CA GLU A 619 -4.95 13.82 15.96
C GLU A 619 -5.30 15.30 16.10
N TYR A 620 -4.54 15.98 16.96
CA TYR A 620 -4.53 17.42 17.10
C TYR A 620 -3.24 17.95 16.50
N ARG A 621 -3.36 18.99 15.67
CA ARG A 621 -2.25 19.45 14.84
C ARG A 621 -2.42 20.95 14.64
N ARG A 622 -1.55 21.76 15.27
CA ARG A 622 -1.60 23.18 14.95
C ARG A 622 -0.89 23.50 13.64
N ASP A 623 0.33 23.03 13.50
CA ASP A 623 1.15 23.30 12.33
C ASP A 623 2.08 22.11 12.14
N GLU A 624 3.17 22.33 11.41
CA GLU A 624 4.17 21.29 11.17
C GLU A 624 4.86 20.83 12.46
N ASP A 625 4.97 21.71 13.46
CA ASP A 625 5.79 21.41 14.62
C ASP A 625 5.02 20.99 15.87
N ARG A 626 3.73 21.32 15.99
CA ARG A 626 2.95 21.07 17.20
C ARG A 626 1.87 20.03 16.93
N LEU A 627 2.04 18.83 17.50
CA LEU A 627 1.07 17.78 17.24
C LEU A 627 0.98 16.79 18.39
N VAL A 628 -0.23 16.26 18.60
CA VAL A 628 -0.49 15.09 19.44
C VAL A 628 -1.32 14.12 18.61
N GLN A 629 -0.95 12.83 18.63
CA GLN A 629 -1.74 11.81 17.97
C GLN A 629 -1.88 10.60 18.89
N LEU A 630 -3.11 10.12 19.05
CA LEU A 630 -3.38 8.82 19.66
C LEU A 630 -3.88 7.89 18.56
N ASN A 631 -3.42 6.64 18.58
CA ASN A 631 -3.91 5.66 17.61
C ASN A 631 -4.02 4.30 18.28
N TYR A 632 -4.88 3.46 17.71
CA TYR A 632 -5.15 2.13 18.23
C TYR A 632 -5.27 1.17 17.05
N HIS A 633 -4.62 0.02 17.16
CA HIS A 633 -4.73 -1.04 16.17
C HIS A 633 -5.10 -2.36 16.84
N TYR A 634 -6.00 -3.12 16.22
CA TYR A 634 -6.40 -4.42 16.71
C TYR A 634 -6.58 -5.37 15.53
N ALA A 635 -6.06 -6.58 15.70
CA ALA A 635 -6.35 -7.72 14.86
C ALA A 635 -6.61 -8.90 15.77
N SER A 636 -7.73 -9.59 15.56
CA SER A 636 -8.13 -10.72 16.38
C SER A 636 -7.21 -11.91 16.13
N PRO A 637 -6.96 -12.76 17.14
CA PRO A 637 -6.16 -13.97 16.86
C PRO A 637 -6.88 -15.03 16.05
N GLU A 638 -8.21 -14.95 15.95
CA GLU A 638 -8.95 -15.80 15.03
C GLU A 638 -8.60 -15.49 13.58
N TYR A 639 -8.42 -14.20 13.26
CA TYR A 639 -8.11 -13.83 11.89
C TYR A 639 -6.65 -14.10 11.58
N ILE A 640 -5.80 -14.10 12.62
CA ILE A 640 -4.43 -14.58 12.51
C ILE A 640 -4.42 -16.08 12.21
N GLN A 641 -5.30 -16.84 12.88
CA GLN A 641 -5.43 -18.28 12.61
C GLN A 641 -6.00 -18.53 11.22
N ALA A 642 -6.83 -17.62 10.71
CA ALA A 642 -7.40 -17.79 9.39
C ALA A 642 -6.40 -17.46 8.28
N THR A 643 -5.95 -16.20 8.19
CA THR A 643 -5.32 -15.69 6.99
C THR A 643 -3.80 -15.84 6.97
N LEU A 644 -3.21 -16.42 7.99
CA LEU A 644 -1.77 -16.61 8.13
C LEU A 644 -1.54 -18.08 8.42
N PRO A 645 -0.36 -18.63 8.06
CA PRO A 645 -0.18 -20.09 8.16
C PRO A 645 -0.05 -20.60 9.59
N LYS A 646 0.21 -21.91 9.68
CA LYS A 646 -0.13 -22.68 10.88
C LYS A 646 0.86 -22.43 12.01
N TYR A 647 2.10 -22.08 11.70
CA TYR A 647 3.05 -21.81 12.78
C TYR A 647 2.82 -20.43 13.37
N TYR A 648 2.09 -19.55 12.69
CA TYR A 648 1.69 -18.30 13.30
C TYR A 648 0.64 -18.53 14.37
N SER A 649 -0.29 -19.45 14.13
CA SER A 649 -1.24 -19.83 15.18
C SER A 649 -0.60 -20.72 16.24
N THR A 650 0.52 -21.37 15.91
CA THR A 650 1.21 -22.22 16.88
C THR A 650 2.15 -21.43 17.79
N ALA A 651 3.07 -20.65 17.22
CA ALA A 651 4.10 -19.98 18.01
C ALA A 651 3.53 -18.78 18.75
N GLU A 652 4.08 -18.52 19.94
CA GLU A 652 3.49 -17.59 20.89
C GLU A 652 3.70 -16.13 20.50
N GLN A 653 4.74 -15.84 19.70
CA GLN A 653 4.98 -14.46 19.29
C GLN A 653 4.07 -13.99 18.16
N TYR A 654 3.28 -14.86 17.55
CA TYR A 654 2.32 -14.46 16.54
C TYR A 654 0.87 -14.75 16.92
N LYS A 655 0.63 -15.65 17.87
CA LYS A 655 -0.71 -16.22 18.03
C LYS A 655 -1.64 -15.34 18.87
N ASN A 656 -1.15 -14.24 19.43
CA ASN A 656 -2.00 -13.40 20.27
C ASN A 656 -2.69 -12.29 19.50
N GLY A 657 -2.40 -12.14 18.21
CA GLY A 657 -3.00 -11.06 17.45
C GLY A 657 -2.31 -9.72 17.73
N ILE A 658 -3.01 -8.64 17.37
CA ILE A 658 -2.49 -7.29 17.51
C ILE A 658 -3.45 -6.49 18.39
N SER A 659 -2.92 -5.84 19.42
CA SER A 659 -3.67 -4.82 20.14
C SER A 659 -2.64 -3.80 20.66
N GLN A 660 -2.45 -2.71 19.91
CA GLN A 660 -1.47 -1.71 20.34
C GLN A 660 -2.13 -0.35 20.46
N VAL A 661 -1.66 0.42 21.44
CA VAL A 661 -1.99 1.82 21.64
C VAL A 661 -0.72 2.62 21.40
N GLY A 662 -0.79 3.63 20.55
CA GLY A 662 0.35 4.47 20.24
C GLY A 662 0.07 5.93 20.53
N ALA A 663 1.04 6.62 21.12
CA ALA A 663 0.93 8.03 21.44
C ALA A 663 2.17 8.76 20.92
N VAL A 664 1.95 9.74 20.03
CA VAL A 664 3.00 10.54 19.43
C VAL A 664 2.76 11.99 19.82
N ALA A 665 3.83 12.71 20.15
CA ALA A 665 3.69 14.13 20.46
C ALA A 665 4.96 14.87 20.02
N SER A 666 4.79 16.14 19.66
CA SER A 666 5.93 17.00 19.38
C SER A 666 5.57 18.43 19.71
N ARG A 667 6.50 19.12 20.39
CA ARG A 667 6.35 20.47 20.92
C ARG A 667 7.64 21.28 20.83
N PRO A 668 7.61 22.46 20.23
CA PRO A 668 8.75 23.37 20.33
C PRO A 668 8.73 24.21 21.60
N ILE A 669 9.92 24.71 21.95
CA ILE A 669 10.12 25.71 22.98
C ILE A 669 11.03 26.79 22.42
N ALA A 670 10.57 28.04 22.49
CA ALA A 670 11.26 29.30 22.18
C ALA A 670 11.72 29.41 20.74
N ASP A 671 11.10 28.65 19.82
CA ASP A 671 11.33 28.57 18.37
C ASP A 671 12.78 28.15 18.04
N ARG A 672 13.47 27.49 18.98
CA ARG A 672 14.81 26.97 18.76
C ARG A 672 14.99 25.56 19.30
N TRP A 673 14.16 25.11 20.23
CA TRP A 673 14.20 23.75 20.74
C TRP A 673 12.98 23.00 20.25
N SER A 674 13.17 21.74 19.85
CA SER A 674 12.06 20.87 19.48
C SER A 674 12.18 19.57 20.24
N ILE A 675 11.11 19.18 20.94
CA ILE A 675 11.07 17.94 21.73
C ILE A 675 9.99 17.03 21.16
N VAL A 676 10.39 15.79 20.86
CA VAL A 676 9.61 14.81 20.14
C VAL A 676 9.56 13.53 20.96
N GLY A 677 8.36 13.00 21.18
CA GLY A 677 8.21 11.74 21.89
C GLY A 677 7.22 10.82 21.20
N ALA A 678 7.43 9.52 21.40
CA ALA A 678 6.56 8.49 20.85
C ALA A 678 6.63 7.25 21.73
N TYR A 679 5.47 6.62 21.95
CA TYR A 679 5.34 5.49 22.85
C TYR A 679 4.31 4.54 22.26
N TYR A 680 4.73 3.35 21.85
CA TYR A 680 3.81 2.34 21.31
C TYR A 680 3.86 1.11 22.19
N TYR A 681 2.68 0.69 22.66
CA TYR A 681 2.52 -0.27 23.74
C TYR A 681 1.53 -1.36 23.31
N ASP A 682 1.89 -2.61 23.56
CA ASP A 682 1.05 -3.76 23.23
C ASP A 682 0.27 -4.18 24.47
N THR A 683 -1.06 -4.16 24.38
CA THR A 683 -1.89 -4.41 25.55
C THR A 683 -2.20 -5.89 25.76
N ASN A 684 -1.89 -6.76 24.79
CA ASN A 684 -2.12 -8.19 24.97
C ASN A 684 -1.10 -8.79 25.93
N ALA A 685 0.18 -8.47 25.74
CA ALA A 685 1.24 -9.01 26.59
C ALA A 685 1.58 -8.09 27.76
N ASN A 686 0.94 -6.91 27.82
CA ASN A 686 1.28 -5.80 28.74
C ASN A 686 2.75 -5.41 28.65
N LYS A 687 3.28 -5.39 27.42
CA LYS A 687 4.66 -5.06 27.16
C LYS A 687 4.72 -4.02 26.05
N GLN A 688 5.77 -3.21 26.10
CA GLN A 688 5.92 -2.12 25.15
C GLN A 688 6.52 -2.65 23.84
N ALA A 689 6.17 -2.02 22.71
CA ALA A 689 6.82 -2.30 21.44
C ALA A 689 7.92 -1.29 21.09
N ASP A 690 7.69 0.00 21.34
CA ASP A 690 8.62 1.02 20.84
C ASP A 690 8.59 2.26 21.72
N SER A 691 9.76 2.89 21.90
CA SER A 691 9.91 4.19 22.54
C SER A 691 10.84 5.03 21.68
N MET A 692 10.54 6.32 21.58
CA MET A 692 11.40 7.22 20.82
C MET A 692 11.32 8.60 21.44
N LEU A 693 12.50 9.22 21.62
CA LEU A 693 12.61 10.60 22.08
C LEU A 693 13.61 11.33 21.20
N GLY A 694 13.43 12.64 21.07
CA GLY A 694 14.33 13.44 20.27
C GLY A 694 14.32 14.90 20.65
N VAL A 695 15.49 15.46 20.93
CA VAL A 695 15.64 16.87 21.28
C VAL A 695 16.56 17.50 20.26
N GLN A 696 16.08 18.52 19.55
CA GLN A 696 16.88 19.18 18.53
C GLN A 696 16.95 20.68 18.81
N TYR A 697 18.18 21.20 18.83
CA TYR A 697 18.47 22.62 18.90
C TYR A 697 18.88 23.09 17.52
N SER A 698 18.14 24.05 16.97
CA SER A 698 18.40 24.57 15.63
C SER A 698 18.82 26.03 15.73
N SER A 699 19.92 26.37 15.06
CA SER A 699 20.44 27.72 15.02
C SER A 699 20.45 28.21 13.57
N CYS A 700 21.09 29.36 13.35
CA CYS A 700 21.10 29.97 12.02
C CYS A 700 22.03 29.22 11.08
N CYS A 701 23.09 28.61 11.61
CA CYS A 701 24.08 27.94 10.77
C CYS A 701 24.40 26.51 11.20
N TYR A 702 23.82 26.02 12.29
CA TYR A 702 24.10 24.67 12.76
C TYR A 702 22.88 24.13 13.51
N ALA A 703 22.84 22.81 13.64
CA ALA A 703 21.75 22.16 14.37
C ALA A 703 22.25 20.85 14.97
N ILE A 704 21.90 20.63 16.24
CA ILE A 704 22.30 19.44 17.00
C ILE A 704 21.03 18.69 17.39
N ARG A 705 21.00 17.39 17.07
CA ARG A 705 19.86 16.54 17.34
C ARG A 705 20.29 15.34 18.15
N VAL A 706 19.61 15.09 19.27
CA VAL A 706 19.89 13.95 20.14
C VAL A 706 18.68 13.03 20.10
N GLY A 707 18.90 11.79 19.71
CA GLY A 707 17.81 10.84 19.54
C GLY A 707 17.99 9.59 20.39
N TYR A 708 16.88 9.08 20.91
CA TYR A 708 16.83 7.85 21.69
C TYR A 708 15.72 6.97 21.14
N GLU A 709 15.98 5.67 21.08
CA GLU A 709 14.98 4.71 20.65
C GLU A 709 15.19 3.38 21.35
N ARG A 710 14.14 2.84 21.94
CA ARG A 710 14.11 1.47 22.42
C ARG A 710 13.11 0.69 21.60
N LYS A 711 13.54 -0.41 21.00
CA LYS A 711 12.67 -1.09 20.05
C LYS A 711 12.65 -2.59 20.28
N LEU A 712 11.52 -3.20 19.93
CA LEU A 712 11.49 -4.63 19.64
C LEU A 712 12.36 -4.92 18.43
N ASN A 713 13.22 -5.93 18.53
CA ASN A 713 14.12 -6.19 17.41
C ASN A 713 14.05 -7.66 17.00
N GLY A 714 13.99 -8.56 17.97
CA GLY A 714 14.04 -9.96 17.65
C GLY A 714 13.39 -10.80 18.74
N TRP A 715 13.61 -12.10 18.65
CA TRP A 715 13.06 -13.06 19.59
C TRP A 715 14.12 -14.08 19.97
N ASP A 716 14.18 -14.40 21.26
CA ASP A 716 15.10 -15.39 21.78
C ASP A 716 14.37 -16.73 21.77
N ASN A 717 14.85 -17.67 20.95
CA ASN A 717 14.18 -18.96 20.84
C ASN A 717 14.52 -19.89 22.00
N ASP A 718 15.55 -19.56 22.78
CA ASP A 718 15.92 -20.41 23.91
C ASP A 718 15.03 -20.14 25.11
N LYS A 719 14.98 -18.87 25.55
CA LYS A 719 14.27 -18.51 26.78
C LYS A 719 12.84 -18.05 26.53
N GLN A 720 12.42 -17.95 25.26
CA GLN A 720 11.06 -17.62 24.82
C GLN A 720 10.57 -16.26 25.33
N HIS A 721 11.40 -15.24 25.12
CA HIS A 721 10.97 -13.87 25.36
C HIS A 721 11.56 -12.97 24.28
N ALA A 722 11.02 -11.76 24.19
CA ALA A 722 11.37 -10.85 23.12
C ALA A 722 12.70 -10.16 23.41
N VAL A 723 13.28 -9.58 22.36
CA VAL A 723 14.58 -8.92 22.41
C VAL A 723 14.38 -7.43 22.15
N TYR A 724 14.86 -6.60 23.08
CA TYR A 724 14.82 -5.16 22.96
C TYR A 724 16.23 -4.60 22.77
N ASP A 725 16.35 -3.56 21.95
CA ASP A 725 17.60 -2.82 21.86
C ASP A 725 17.39 -1.32 22.03
N ASN A 726 18.38 -0.68 22.64
CA ASN A 726 18.43 0.74 22.89
C ASN A 726 19.36 1.43 21.90
N ALA A 727 19.15 2.72 21.72
CA ALA A 727 20.02 3.54 20.88
C ALA A 727 19.96 4.98 21.36
N ILE A 728 21.11 5.55 21.71
CA ILE A 728 21.27 6.98 22.01
C ILE A 728 22.30 7.55 21.04
N GLY A 729 22.03 8.71 20.45
CA GLY A 729 22.91 9.24 19.44
C GLY A 729 22.77 10.73 19.22
N PHE A 730 23.79 11.31 18.58
CA PHE A 730 23.73 12.72 18.25
C PHE A 730 24.12 12.95 16.79
N ASN A 731 23.52 13.98 16.21
CA ASN A 731 23.72 14.38 14.82
C ASN A 731 23.96 15.88 14.79
N ILE A 732 24.97 16.30 14.04
CA ILE A 732 25.24 17.73 13.87
C ILE A 732 25.23 18.03 12.38
N GLU A 733 24.34 18.92 11.96
CA GLU A 733 24.27 19.32 10.56
C GLU A 733 24.40 20.84 10.43
N LEU A 734 24.77 21.27 9.23
CA LEU A 734 25.11 22.68 8.97
C LEU A 734 23.94 23.35 8.25
N ARG A 735 23.54 24.51 8.75
CA ARG A 735 22.50 25.31 8.14
C ARG A 735 23.10 26.59 7.54
N GLY A 736 22.25 27.46 7.02
CA GLY A 736 22.67 28.74 6.50
C GLY A 736 23.06 28.75 5.04
N LEU A 737 23.32 27.59 4.44
CA LEU A 737 23.61 27.52 3.02
C LEU A 737 22.35 27.65 2.16
N SER A 738 21.18 27.37 2.74
CA SER A 738 19.92 27.45 2.01
C SER A 738 18.89 28.08 2.94
N SER A 739 17.61 27.99 2.54
CA SER A 739 16.51 28.54 3.31
C SER A 739 15.86 27.51 4.23
N ASN A 740 16.59 26.47 4.61
CA ASN A 740 16.04 25.42 5.47
C ASN A 740 16.13 25.98 6.89
N TYR A 741 15.01 26.50 7.40
CA TYR A 741 14.89 26.91 8.79
C TYR A 741 13.78 26.09 9.42
N GLY A 742 13.80 24.78 9.18
CA GLY A 742 12.90 23.89 9.87
C GLY A 742 13.44 23.47 11.22
N LEU A 743 12.53 23.09 12.10
CA LEU A 743 12.94 22.57 13.41
C LEU A 743 13.19 21.08 13.40
N GLY A 744 13.05 20.42 12.24
CA GLY A 744 13.40 19.02 12.11
C GLY A 744 12.44 18.06 12.77
N THR A 745 11.17 18.45 12.90
CA THR A 745 10.20 17.63 13.64
C THR A 745 9.84 16.35 12.87
N GLN A 746 9.53 16.49 11.58
CA GLN A 746 9.14 15.33 10.77
C GLN A 746 10.31 14.40 10.49
N GLU A 747 11.54 14.93 10.47
CA GLU A 747 12.70 14.04 10.33
C GLU A 747 12.98 13.27 11.62
N MET A 748 12.53 13.77 12.77
CA MET A 748 12.59 12.96 13.98
C MET A 748 11.39 12.02 14.08
N LEU A 749 10.28 12.37 13.45
CA LEU A 749 9.08 11.53 13.51
C LEU A 749 9.17 10.30 12.61
N ARG A 750 10.08 10.29 11.64
CA ARG A 750 10.29 9.13 10.78
C ARG A 750 11.36 8.19 11.31
N SER A 751 12.00 8.53 12.44
CA SER A 751 13.24 7.88 12.84
C SER A 751 13.05 6.56 13.58
N ASN A 752 11.82 6.20 13.90
CA ASN A 752 11.53 4.98 14.64
C ASN A 752 10.92 3.89 13.74
N ILE A 753 10.72 2.71 14.32
CA ILE A 753 10.21 1.57 13.55
C ILE A 753 8.70 1.61 13.35
N LEU A 754 7.98 2.50 14.03
CA LEU A 754 6.56 2.75 13.77
C LEU A 754 6.36 4.22 13.43
N PRO A 755 6.42 4.61 12.13
CA PRO A 755 6.49 6.03 11.78
C PRO A 755 5.20 6.82 12.05
N TYR A 756 5.38 8.12 12.20
CA TYR A 756 4.29 9.07 12.08
C TYR A 756 3.77 9.15 10.65
N GLN A 757 2.45 9.12 10.51
CA GLN A 757 1.76 9.64 9.33
C GLN A 757 0.67 10.60 9.77
N ASN A 758 0.43 11.62 8.95
CA ASN A 758 -0.49 12.68 9.28
C ASN A 758 -1.90 12.22 8.93
N THR A 759 -2.83 12.31 9.89
CA THR A 759 -4.24 12.00 9.66
C THR A 759 -5.11 13.23 9.88
N LEU A 760 -4.59 14.40 9.48
CA LEU A 760 -5.15 15.75 9.72
C LEU A 760 -5.47 16.02 11.19
N GLY B 2 -36.89 14.90 5.13
CA GLY B 2 -37.01 15.79 3.99
C GLY B 2 -35.94 15.54 2.94
N TRP B 3 -35.71 14.28 2.63
CA TRP B 3 -34.72 13.91 1.63
C TRP B 3 -35.25 14.14 0.22
N HIS B 4 -34.34 14.41 -0.70
CA HIS B 4 -34.67 14.65 -2.09
C HIS B 4 -33.52 14.22 -2.97
N LEU B 5 -33.82 13.97 -4.23
CA LEU B 5 -32.83 13.51 -5.19
C LEU B 5 -31.87 14.63 -5.56
N ARG B 6 -30.66 14.27 -5.97
CA ARG B 6 -29.69 15.26 -6.39
C ARG B 6 -30.06 15.86 -7.74
N ASP B 7 -30.72 17.02 -7.71
CA ASP B 7 -31.09 17.73 -8.93
C ASP B 7 -29.92 18.47 -9.56
N THR B 8 -28.87 18.72 -8.80
CA THR B 8 -27.70 19.40 -9.30
C THR B 8 -26.73 18.38 -9.88
N THR B 9 -25.52 18.81 -10.19
CA THR B 9 -24.48 17.94 -10.74
C THR B 9 -23.31 17.90 -9.77
N GLN B 10 -22.57 16.79 -9.81
CA GLN B 10 -21.38 16.66 -8.97
C GLN B 10 -20.26 17.59 -9.44
N VAL B 11 -20.12 17.77 -10.75
CA VAL B 11 -19.16 18.70 -11.34
C VAL B 11 -19.93 19.98 -11.63
N PRO B 12 -19.41 21.16 -11.30
CA PRO B 12 -20.16 22.41 -11.56
C PRO B 12 -20.31 22.71 -13.05
N SER B 13 -21.31 23.53 -13.36
CA SER B 13 -21.73 23.75 -14.74
C SER B 13 -20.76 24.64 -15.51
N THR B 14 -19.89 25.37 -14.83
CA THR B 14 -18.81 26.11 -15.48
C THR B 14 -17.58 25.24 -15.70
N MET B 15 -17.55 24.03 -15.13
CA MET B 15 -16.48 23.07 -15.37
C MET B 15 -16.95 21.88 -16.20
N LYS B 16 -17.98 22.09 -17.04
CA LYS B 16 -18.46 21.01 -17.89
C LYS B 16 -17.50 20.74 -19.04
N VAL B 17 -16.82 21.77 -19.53
CA VAL B 17 -15.70 21.63 -20.45
C VAL B 17 -14.44 22.14 -19.76
N MET B 18 -13.39 21.32 -19.74
CA MET B 18 -12.20 21.65 -18.96
C MET B 18 -10.98 20.96 -19.56
N ILE B 19 -9.81 21.43 -19.14
CA ILE B 19 -8.53 20.97 -19.66
C ILE B 19 -7.81 20.21 -18.55
N LEU B 20 -7.38 18.99 -18.85
CA LEU B 20 -6.62 18.17 -17.91
C LEU B 20 -5.14 18.29 -18.27
N ASP B 21 -4.34 18.76 -17.31
CA ASP B 21 -2.91 18.97 -17.51
C ASP B 21 -2.21 18.20 -16.39
N SER B 22 -1.08 17.60 -16.73
CA SER B 22 -0.24 16.90 -15.76
C SER B 22 1.17 16.82 -16.30
N GLY B 23 2.11 16.53 -15.41
CA GLY B 23 3.48 16.28 -15.83
C GLY B 23 3.72 14.88 -16.34
N ASP B 24 2.74 14.00 -16.22
CA ASP B 24 2.81 12.64 -16.76
C ASP B 24 1.41 12.28 -17.24
N PRO B 25 1.10 12.56 -18.52
CA PRO B 25 -0.28 12.32 -19.01
C PRO B 25 -0.63 10.86 -19.18
N ASN B 26 0.35 9.98 -19.31
CA ASN B 26 0.10 8.55 -19.50
C ASN B 26 0.22 7.77 -18.21
N GLY B 27 0.28 8.45 -17.07
CA GLY B 27 0.37 7.78 -15.80
C GLY B 27 -0.96 7.22 -15.35
N PRO B 28 -0.93 6.47 -14.24
CA PRO B 28 -2.18 5.92 -13.72
C PRO B 28 -3.09 6.95 -13.07
N LEU B 29 -2.51 8.01 -12.50
CA LEU B 29 -3.31 9.10 -11.91
C LEU B 29 -4.08 9.86 -12.97
N SER B 30 -3.43 10.20 -14.09
CA SER B 30 -4.09 10.94 -15.16
C SER B 30 -5.14 10.10 -15.85
N ARG B 31 -4.91 8.78 -15.92
CA ARG B 31 -5.90 7.86 -16.47
C ARG B 31 -7.10 7.74 -15.54
N ALA B 32 -6.87 7.72 -14.22
CA ALA B 32 -7.96 7.63 -13.25
C ALA B 32 -8.79 8.92 -13.21
N VAL B 33 -8.11 10.08 -13.28
CA VAL B 33 -8.81 11.37 -13.30
C VAL B 33 -9.57 11.54 -14.61
N ARG B 34 -8.99 11.08 -15.73
CA ARG B 34 -9.67 11.15 -17.03
C ARG B 34 -10.89 10.24 -17.07
N ASN B 35 -10.81 9.07 -16.44
CA ASN B 35 -11.96 8.17 -16.35
C ASN B 35 -13.04 8.78 -15.45
N GLN B 36 -12.64 9.39 -14.34
CA GLN B 36 -13.62 9.91 -13.38
C GLN B 36 -14.29 11.18 -13.89
N LEU B 37 -13.60 11.97 -14.70
CA LEU B 37 -14.28 13.05 -15.42
C LEU B 37 -15.05 12.53 -16.63
N ARG B 38 -14.74 11.32 -17.13
CA ARG B 38 -15.55 10.82 -18.23
C ARG B 38 -16.90 10.30 -17.71
N LEU B 39 -16.94 9.76 -16.49
CA LEU B 39 -18.21 9.27 -15.94
C LEU B 39 -19.19 10.38 -15.56
N ASN B 40 -18.71 11.62 -15.38
CA ASN B 40 -19.60 12.73 -15.04
C ASN B 40 -19.96 13.59 -16.25
N GLY B 41 -19.76 13.08 -17.47
CA GLY B 41 -20.13 13.78 -18.69
C GLY B 41 -19.29 14.99 -19.00
N VAL B 42 -18.07 15.08 -18.47
CA VAL B 42 -17.27 16.29 -18.60
C VAL B 42 -16.42 16.20 -19.85
N GLU B 43 -16.53 17.21 -20.71
CA GLU B 43 -15.80 17.24 -21.98
C GLU B 43 -14.39 17.75 -21.68
N LEU B 44 -13.39 17.00 -22.13
CA LEU B 44 -11.99 17.30 -21.87
C LEU B 44 -11.34 17.82 -23.14
N LEU B 45 -10.60 18.92 -23.00
CA LEU B 45 -9.89 19.48 -24.15
C LEU B 45 -8.42 19.09 -24.12
N ASP B 46 -7.80 19.14 -25.30
CA ASP B 46 -6.37 18.88 -25.43
C ASP B 46 -5.58 20.04 -24.84
N LYS B 47 -4.38 19.74 -24.34
CA LYS B 47 -3.50 20.76 -23.80
C LYS B 47 -2.99 21.68 -24.90
N GLU B 48 -2.99 22.98 -24.61
CA GLU B 48 -2.75 24.09 -25.55
C GLU B 48 -3.75 24.00 -26.71
N THR B 49 -5.00 24.26 -26.35
CA THR B 49 -6.08 24.32 -27.31
C THR B 49 -6.34 25.77 -27.68
N THR B 50 -7.17 25.98 -28.71
CA THR B 50 -7.46 27.33 -29.18
C THR B 50 -8.56 27.97 -28.35
N ARG B 51 -9.26 27.17 -27.55
CA ARG B 51 -10.34 27.70 -26.73
C ARG B 51 -9.82 28.30 -25.44
N LYS B 52 -10.11 29.57 -25.23
CA LYS B 52 -9.73 30.33 -24.05
C LYS B 52 -11.00 30.37 -23.16
N ASP B 53 -10.93 31.09 -22.02
CA ASP B 53 -11.77 31.03 -20.79
C ASP B 53 -12.38 29.65 -20.53
N VAL B 54 -11.51 28.65 -20.48
CA VAL B 54 -11.86 27.28 -20.11
C VAL B 54 -11.05 26.92 -18.87
N PRO B 55 -11.66 26.47 -17.77
CA PRO B 55 -10.89 26.18 -16.56
C PRO B 55 -10.03 24.93 -16.69
N SER B 56 -8.95 24.88 -15.92
CA SER B 56 -7.94 23.85 -16.10
C SER B 56 -7.62 23.12 -14.79
N LEU B 57 -7.23 21.86 -14.94
CA LEU B 57 -6.76 21.01 -13.84
C LEU B 57 -5.29 20.69 -14.07
N ARG B 58 -4.42 21.17 -13.19
CA ARG B 58 -3.00 20.82 -13.24
C ARG B 58 -2.72 19.83 -12.11
N LEU B 59 -2.42 18.59 -12.47
CA LEU B 59 -2.10 17.58 -11.46
C LEU B 59 -0.63 17.69 -11.05
N GLY B 60 -0.40 17.73 -9.74
CA GLY B 60 0.94 17.87 -9.22
C GLY B 60 1.67 16.55 -9.08
N LYS B 61 2.28 16.33 -7.91
CA LYS B 61 3.12 15.17 -7.69
C LYS B 61 2.41 14.15 -6.81
N VAL B 62 2.87 12.91 -6.86
CA VAL B 62 2.24 11.81 -6.15
C VAL B 62 3.20 11.33 -5.07
N SER B 63 2.71 11.25 -3.84
CA SER B 63 3.49 10.70 -2.73
C SER B 63 2.85 9.39 -2.30
N ILE B 64 3.52 8.27 -2.57
CA ILE B 64 3.07 6.96 -2.12
C ILE B 64 4.07 6.46 -1.09
N ALA B 65 3.56 6.17 0.10
CA ALA B 65 4.39 5.69 1.20
C ALA B 65 3.84 4.36 1.70
N LYS B 66 4.73 3.44 2.04
CA LYS B 66 4.34 2.15 2.63
C LYS B 66 5.19 1.96 3.88
N ASP B 67 4.56 2.03 5.05
CA ASP B 67 5.29 1.93 6.30
C ASP B 67 4.65 0.93 7.26
N THR B 68 5.40 0.63 8.32
CA THR B 68 4.99 -0.34 9.33
C THR B 68 4.01 0.31 10.31
N ALA B 69 2.84 -0.29 10.47
CA ALA B 69 1.83 0.24 11.36
C ALA B 69 1.64 -0.59 12.62
N SER B 70 1.90 -1.89 12.58
CA SER B 70 2.01 -2.66 13.80
C SER B 70 3.10 -3.71 13.64
N VAL B 71 3.63 -4.13 14.78
CA VAL B 71 4.64 -5.18 14.83
C VAL B 71 4.08 -6.32 15.64
N PHE B 72 4.72 -7.48 15.49
CA PHE B 72 4.40 -8.63 16.32
C PHE B 72 5.22 -8.57 17.61
N ARG B 73 5.24 -9.66 18.37
CA ARG B 73 6.01 -9.66 19.60
C ARG B 73 7.51 -9.79 19.35
N ASN B 74 7.91 -10.24 18.17
CA ASN B 74 9.31 -10.28 17.76
C ASN B 74 9.79 -9.05 17.01
N GLY B 75 8.91 -8.08 16.73
CA GLY B 75 9.31 -6.86 16.07
C GLY B 75 9.23 -6.87 14.57
N GLN B 76 8.97 -8.01 13.94
CA GLN B 76 8.68 -8.06 12.51
C GLN B 76 7.32 -7.42 12.28
N THR B 77 7.16 -6.83 11.09
CA THR B 77 5.93 -6.12 10.72
C THR B 77 4.71 -7.02 10.68
N ALA B 78 3.57 -6.43 11.02
CA ALA B 78 2.28 -7.10 10.92
C ALA B 78 1.33 -6.35 10.02
N GLU B 79 1.29 -5.03 10.11
CA GLU B 79 0.42 -4.21 9.30
C GLU B 79 1.28 -3.31 8.43
N TYR B 80 0.95 -3.23 7.14
CA TYR B 80 1.52 -2.24 6.24
C TYR B 80 0.46 -1.19 5.93
N GLN B 81 0.78 0.05 6.23
CA GLN B 81 -0.05 1.21 5.97
C GLN B 81 0.45 1.86 4.69
N MET B 82 -0.43 1.99 3.71
CA MET B 82 -0.12 2.64 2.44
C MET B 82 -0.83 3.98 2.36
N ILE B 83 -0.09 5.00 1.94
CA ILE B 83 -0.47 6.40 2.01
C ILE B 83 -0.34 6.96 0.60
N MET B 84 -1.39 7.59 0.10
CA MET B 84 -1.28 8.34 -1.16
C MET B 84 -1.68 9.80 -0.96
N THR B 85 -0.76 10.69 -1.31
CA THR B 85 -0.99 12.13 -1.27
C THR B 85 -0.91 12.68 -2.70
N VAL B 86 -1.99 13.33 -3.12
CA VAL B 86 -2.14 13.88 -4.47
C VAL B 86 -2.42 15.37 -4.34
N ASN B 87 -1.64 16.19 -5.04
CA ASN B 87 -1.86 17.63 -5.10
C ASN B 87 -2.32 18.02 -6.50
N ALA B 88 -3.22 19.00 -6.57
CA ALA B 88 -3.67 19.51 -7.86
C ALA B 88 -4.05 20.97 -7.69
N THR B 89 -4.05 21.71 -8.80
CA THR B 89 -4.49 23.10 -8.82
C THR B 89 -5.56 23.27 -9.89
N VAL B 90 -6.60 24.04 -9.58
CA VAL B 90 -7.61 24.42 -10.56
C VAL B 90 -7.39 25.87 -10.93
N LEU B 91 -7.17 26.11 -12.22
CA LEU B 91 -7.05 27.46 -12.76
C LEU B 91 -8.40 27.89 -13.30
N ILE B 92 -9.01 28.87 -12.64
CA ILE B 92 -10.11 29.61 -13.25
C ILE B 92 -9.44 30.81 -13.90
N PRO B 93 -9.44 30.90 -15.24
CA PRO B 93 -8.45 31.76 -15.92
C PRO B 93 -8.74 33.25 -15.89
N GLY B 94 -9.89 33.68 -15.39
CA GLY B 94 -10.07 35.07 -15.03
C GLY B 94 -9.75 35.26 -13.57
N ARG B 95 -10.20 34.35 -12.73
CA ARG B 95 -10.16 34.59 -11.28
C ARG B 95 -8.85 34.22 -10.62
N ASP B 96 -8.52 32.93 -10.52
CA ASP B 96 -7.61 32.54 -9.42
C ASP B 96 -7.17 31.10 -9.63
N ILE B 97 -6.07 30.73 -8.96
CA ILE B 97 -5.61 29.36 -8.84
C ILE B 97 -6.02 28.84 -7.46
N TYR B 98 -6.73 27.72 -7.43
CA TYR B 98 -7.19 27.10 -6.18
C TYR B 98 -6.52 25.75 -5.99
N PRO B 99 -5.71 25.56 -4.96
CA PRO B 99 -5.09 24.23 -4.74
C PRO B 99 -5.98 23.31 -3.94
N ILE B 100 -6.00 22.04 -4.35
CA ILE B 100 -6.70 20.98 -3.65
C ILE B 100 -5.76 19.78 -3.49
N SER B 101 -6.13 18.88 -2.59
CA SER B 101 -5.35 17.69 -2.30
C SER B 101 -6.27 16.52 -2.03
N ALA B 102 -5.70 15.33 -2.05
CA ALA B 102 -6.43 14.09 -1.81
C ALA B 102 -5.49 13.10 -1.15
N LYS B 103 -5.88 12.56 -0.01
CA LYS B 103 -5.01 11.65 0.72
C LYS B 103 -5.77 10.38 1.09
N VAL B 104 -5.22 9.25 0.67
CA VAL B 104 -5.89 7.94 0.70
C VAL B 104 -5.12 7.02 1.64
N PHE B 105 -5.87 6.39 2.54
CA PHE B 105 -5.37 5.46 3.55
C PHE B 105 -5.79 4.04 3.20
N ARG B 106 -4.81 3.15 3.02
CA ARG B 106 -5.08 1.72 2.86
C ARG B 106 -4.15 0.90 3.76
N SER B 107 -4.44 -0.39 3.81
CA SER B 107 -3.97 -1.19 4.94
C SER B 107 -4.00 -2.67 4.58
N PHE B 108 -2.90 -3.39 4.82
CA PHE B 108 -2.86 -4.83 4.53
C PHE B 108 -1.80 -5.54 5.38
N PHE B 109 -2.05 -6.81 5.72
CA PHE B 109 -1.02 -7.63 6.38
C PHE B 109 0.13 -8.05 5.48
N ASP B 110 1.29 -8.22 6.11
CA ASP B 110 2.43 -8.85 5.47
C ASP B 110 2.45 -10.34 5.75
N ASN B 111 2.80 -11.10 4.73
CA ASN B 111 3.04 -12.53 4.86
C ASN B 111 4.27 -12.79 4.01
N PRO B 112 5.42 -13.10 4.61
CA PRO B 112 6.62 -13.41 3.80
C PRO B 112 6.50 -14.69 2.98
N GLN B 113 5.83 -15.72 3.51
CA GLN B 113 5.87 -17.06 2.91
C GLN B 113 5.09 -17.14 1.60
N MET B 114 4.17 -16.21 1.37
CA MET B 114 3.50 -16.06 0.09
C MET B 114 3.72 -14.64 -0.43
N ALA B 115 4.98 -14.17 -0.31
CA ALA B 115 5.29 -12.74 -0.36
C ALA B 115 5.09 -12.14 -1.74
N LEU B 116 5.39 -12.90 -2.80
CA LEU B 116 5.12 -12.49 -4.18
C LEU B 116 3.63 -12.28 -4.40
N ALA B 117 2.82 -13.19 -3.82
CA ALA B 117 1.37 -13.06 -3.76
C ALA B 117 0.96 -11.76 -3.10
N LYS B 118 1.63 -11.44 -1.98
CA LYS B 118 1.34 -10.24 -1.20
C LYS B 118 1.68 -9.00 -2.00
N ASP B 119 2.74 -9.08 -2.82
CA ASP B 119 3.17 -7.91 -3.56
C ASP B 119 2.24 -7.65 -4.73
N ASN B 120 1.65 -8.72 -5.29
CA ASN B 120 0.62 -8.53 -6.30
C ASN B 120 -0.63 -7.92 -5.68
N GLU B 121 -0.90 -8.30 -4.42
CA GLU B 121 -1.90 -7.64 -3.58
C GLU B 121 -1.64 -6.15 -3.46
N GLN B 122 -0.37 -5.79 -3.24
CA GLN B 122 0.02 -4.39 -3.10
C GLN B 122 -0.19 -3.62 -4.39
N ASP B 123 0.07 -4.29 -5.53
CA ASP B 123 -0.13 -3.66 -6.83
C ASP B 123 -1.59 -3.39 -7.09
N MET B 124 -2.45 -4.32 -6.63
CA MET B 124 -3.89 -4.16 -6.75
C MET B 124 -4.38 -3.00 -5.90
N ILE B 125 -3.76 -2.82 -4.72
CA ILE B 125 -4.12 -1.71 -3.83
C ILE B 125 -3.73 -0.39 -4.47
N VAL B 126 -2.60 -0.37 -5.20
CA VAL B 126 -2.16 0.82 -5.93
C VAL B 126 -3.15 1.16 -7.02
N LYS B 127 -3.68 0.11 -7.68
CA LYS B 127 -4.65 0.27 -8.77
C LYS B 127 -5.99 0.78 -8.24
N GLU B 128 -6.26 0.60 -6.94
CA GLU B 128 -7.46 1.16 -6.38
C GLU B 128 -7.27 2.61 -5.97
N MET B 129 -6.09 2.95 -5.41
CA MET B 129 -5.93 4.19 -4.63
C MET B 129 -6.00 5.44 -5.49
N TYR B 130 -5.35 5.39 -6.67
CA TYR B 130 -5.46 6.40 -7.72
C TYR B 130 -6.90 6.72 -8.07
N ASP B 131 -7.72 5.66 -8.24
CA ASP B 131 -9.14 5.81 -8.54
C ASP B 131 -9.86 6.52 -7.41
N ARG B 132 -9.54 6.14 -6.16
CA ARG B 132 -10.15 6.76 -5.00
C ARG B 132 -9.68 8.19 -4.85
N ALA B 133 -8.40 8.44 -5.19
CA ALA B 133 -7.84 9.77 -5.13
C ALA B 133 -8.51 10.68 -6.16
N ALA B 134 -8.84 10.09 -7.32
CA ALA B 134 -9.53 10.82 -8.38
C ALA B 134 -10.91 11.25 -7.94
N GLU B 135 -11.58 10.37 -7.15
CA GLU B 135 -12.91 10.64 -6.66
C GLU B 135 -12.91 11.80 -5.67
N GLN B 136 -11.82 11.89 -4.87
CA GLN B 136 -11.73 12.97 -3.89
C GLN B 136 -11.50 14.30 -4.57
N LEU B 137 -10.79 14.28 -5.73
CA LEU B 137 -10.64 15.50 -6.52
C LEU B 137 -11.97 15.95 -7.08
N ILE B 138 -12.82 14.98 -7.47
CA ILE B 138 -14.17 15.28 -7.93
C ILE B 138 -14.99 15.83 -6.77
N ARG B 139 -14.75 15.30 -5.57
CA ARG B 139 -15.45 15.75 -4.39
C ARG B 139 -14.93 17.08 -3.88
N LYS B 140 -13.81 17.59 -4.43
CA LYS B 140 -13.41 18.95 -4.14
C LYS B 140 -13.58 19.88 -5.31
N LEU B 141 -14.39 19.50 -6.33
CA LEU B 141 -14.69 20.47 -7.37
C LEU B 141 -15.60 21.63 -6.95
N PRO B 142 -16.85 21.43 -6.49
CA PRO B 142 -17.70 22.63 -6.35
C PRO B 142 -17.49 23.50 -5.11
N SER B 143 -16.61 23.13 -4.16
CA SER B 143 -16.22 24.03 -3.09
C SER B 143 -15.44 25.22 -3.63
N ILE B 144 -14.60 24.95 -4.65
CA ILE B 144 -13.98 25.98 -5.48
C ILE B 144 -15.02 26.86 -6.14
N ARG B 145 -16.14 26.26 -6.57
CA ARG B 145 -17.26 27.04 -7.10
C ARG B 145 -17.88 27.92 -6.00
N ALA B 146 -17.93 27.41 -4.77
CA ALA B 146 -18.26 28.26 -3.62
C ALA B 146 -17.20 29.34 -3.42
N ALA B 147 -15.92 28.96 -3.58
CA ALA B 147 -14.84 29.94 -3.58
C ALA B 147 -14.83 30.80 -4.85
N ASP B 148 -15.56 30.40 -5.89
CA ASP B 148 -15.72 31.28 -7.04
C ASP B 148 -16.79 32.35 -6.78
N ILE B 149 -17.61 32.20 -5.75
CA ILE B 149 -18.65 33.17 -5.45
C ILE B 149 -18.22 34.11 -4.33
N ARG B 150 -17.58 33.57 -3.29
CA ARG B 150 -17.24 34.34 -2.10
C ARG B 150 -16.10 35.33 -2.35
N SER B 151 -15.30 35.14 -3.40
CA SER B 151 -14.22 36.05 -3.71
C SER B 151 -14.74 37.29 -4.44
N ALA C 1 -11.78 -34.13 -19.14
CA ALA C 1 -13.11 -34.68 -19.27
C ALA C 1 -14.12 -33.88 -18.46
N CYS C 2 -15.28 -33.61 -19.10
CA CYS C 2 -16.39 -32.82 -18.58
C CYS C 2 -15.89 -31.41 -18.21
N TRP C 3 -15.57 -30.66 -19.26
CA TRP C 3 -15.00 -29.32 -19.13
C TRP C 3 -16.08 -28.26 -19.35
N HIS C 4 -15.97 -27.18 -18.59
CA HIS C 4 -16.93 -26.08 -18.65
C HIS C 4 -16.24 -24.77 -18.99
N TRP C 5 -16.83 -24.04 -19.93
CA TRP C 5 -16.38 -22.70 -20.27
C TRP C 5 -17.43 -21.63 -20.04
N TRP C 6 -18.71 -21.98 -19.98
CA TRP C 6 -19.81 -21.06 -19.80
C TRP C 6 -20.26 -21.14 -18.34
N LEU C 7 -21.44 -20.57 -18.04
CA LEU C 7 -21.88 -20.29 -16.67
C LEU C 7 -22.32 -21.52 -15.88
N GLU C 8 -22.23 -22.72 -16.45
CA GLU C 8 -22.52 -23.93 -15.71
C GLU C 8 -21.44 -24.18 -14.65
N GLU C 9 -21.88 -24.62 -13.47
CA GLU C 9 -20.96 -24.84 -12.37
C GLU C 9 -20.23 -26.17 -12.54
N ASP C 10 -18.97 -26.20 -12.08
CA ASP C 10 -18.25 -27.46 -12.03
C ASP C 10 -18.78 -28.31 -10.88
N CYS C 11 -18.66 -29.62 -11.03
CA CYS C 11 -19.09 -30.55 -9.99
C CYS C 11 -17.93 -31.45 -9.58
N ASP C 12 -18.19 -32.26 -8.56
CA ASP C 12 -17.13 -32.91 -7.81
C ASP C 12 -16.61 -34.13 -8.57
N LYS C 13 -15.34 -34.48 -8.35
CA LYS C 13 -14.62 -35.38 -9.24
C LYS C 13 -14.77 -36.86 -8.92
N LYS C 14 -15.44 -37.24 -7.82
CA LYS C 14 -15.53 -38.66 -7.51
C LYS C 14 -16.67 -39.36 -8.24
N GLU C 15 -17.49 -38.64 -9.00
CA GLU C 15 -18.53 -39.28 -9.81
C GLU C 15 -18.29 -39.09 -11.30
N CYS C 16 -17.39 -38.19 -11.69
CA CYS C 16 -17.11 -37.93 -13.09
C CYS C 16 -15.61 -37.98 -13.33
N ALA C 17 -15.20 -38.59 -14.44
CA ALA C 17 -13.80 -38.69 -14.79
C ALA C 17 -13.28 -37.36 -15.36
N NH2 C 18 -13.27 -36.53 -16.54
C1B LMT D . -12.19 -7.78 21.27
C2B LMT D . -13.30 -8.84 21.49
C3B LMT D . -13.05 -9.65 22.79
C4B LMT D . -12.70 -8.74 24.01
C5B LMT D . -11.58 -7.75 23.60
C6B LMT D . -10.38 -7.90 24.53
O1B LMT D . -12.76 -6.51 21.25
O2B LMT D . -14.48 -8.16 21.56
O3B LMT D . -12.12 -10.64 22.60
O4' LMT D . -13.80 -8.03 24.42
O5B LMT D . -11.17 -7.86 22.25
O6B LMT D . -9.22 -7.90 23.80
C1' LMT D . -12.45 -2.63 19.77
C2' LMT D . -12.28 -3.77 18.74
C3' LMT D . -12.85 -5.07 19.36
C4' LMT D . -12.05 -5.47 20.61
C5' LMT D . -12.04 -4.28 21.60
C6' LMT D . -10.70 -3.95 22.20
O1' LMT D . -11.37 -1.79 19.79
O2' LMT D . -13.01 -3.45 17.64
O3' LMT D . -12.83 -6.06 18.45
O5' LMT D . -12.71 -3.09 21.13
O6' LMT D . -10.83 -2.73 22.80
C1 LMT D . -11.72 -0.43 19.61
C2 LMT D . -11.42 -0.15 18.17
C3 LMT D . -11.58 1.28 17.73
C4 LMT D . -13.03 1.49 17.44
C5 LMT D . -13.30 1.26 16.00
C6 LMT D . -14.40 2.13 15.47
C7 LMT D . -14.47 2.01 13.99
C8 LMT D . -15.39 3.06 13.46
C9 LMT D . -16.80 2.60 13.30
C10 LMT D . -17.37 3.34 12.13
C11 LMT D . -18.27 2.46 11.31
C12 LMT D . -19.57 2.21 12.01
C1B LMT E . 15.73 -1.96 30.50
C2B LMT E . 15.02 -3.30 30.84
C3B LMT E . 16.05 -4.44 31.12
C4B LMT E . 17.32 -4.38 30.22
C5B LMT E . 17.91 -2.93 30.31
C6B LMT E . 18.33 -2.46 28.91
O1B LMT E . 15.04 -0.86 31.03
O2B LMT E . 14.24 -3.09 31.95
O3B LMT E . 15.45 -5.68 31.07
O4' LMT E . 18.27 -5.28 30.64
O5B LMT E . 17.06 -1.97 30.94
O6B LMT E . 19.42 -1.63 29.01
C1' LMT E . 12.30 2.17 30.12
C2' LMT E . 11.65 0.80 30.46
C3' LMT E . 12.74 -0.17 31.03
C4' LMT E . 14.08 -0.19 30.23
C5' LMT E . 14.49 1.30 30.03
C6' LMT E . 15.80 1.56 29.34
O1' LMT E . 11.45 2.93 29.39
O2' LMT E . 10.70 1.00 31.42
O3' LMT E . 12.24 -1.43 31.13
O5' LMT E . 13.46 1.96 29.31
O6' LMT E . 16.77 1.30 30.28
C1 LMT E . 11.93 4.22 29.08
C2 LMT E . 11.46 4.49 27.68
C3 LMT E . 10.34 5.46 27.52
C4 LMT E . 10.93 6.78 27.10
C5 LMT E . 9.86 7.82 27.04
C6 LMT E . 9.13 7.81 25.75
C7 LMT E . 7.68 8.09 25.97
C8 LMT E . 7.48 9.54 26.19
C9 LMT E . 6.83 10.26 25.05
C10 LMT E . 5.35 10.07 25.17
C11 LMT E . 4.64 10.64 23.99
C12 LMT E . 3.20 10.93 24.29
C1B LMT F . -8.16 -30.59 -21.00
C2B LMT F . -7.09 -31.69 -20.90
C3B LMT F . -6.24 -31.52 -19.62
C4B LMT F . -7.08 -31.24 -18.32
C5B LMT F . -8.23 -30.24 -18.62
C6B LMT F . -7.73 -28.79 -18.57
O1B LMT F . -8.98 -30.81 -22.11
O2B LMT F . -7.75 -32.89 -20.88
O3B LMT F . -5.22 -30.61 -19.79
O4' LMT F . -7.62 -32.41 -17.83
O5B LMT F . -8.93 -30.51 -19.83
O6B LMT F . -8.70 -27.97 -18.06
C1' LMT F . -8.81 -29.06 -26.00
C2' LMT F . -8.23 -30.49 -25.83
C3' LMT F . -8.58 -31.15 -24.46
C4' LMT F . -8.66 -30.13 -23.31
C5' LMT F . -9.83 -29.18 -23.72
C6' LMT F . -10.00 -27.94 -22.88
O1' LMT F . -7.83 -28.11 -25.79
O2' LMT F . -8.77 -31.28 -26.83
O3' LMT F . -7.68 -32.13 -24.17
O5' LMT F . -9.92 -28.82 -25.11
O6' LMT F . -8.76 -27.57 -22.46
C1 LMT F . -7.96 -26.95 -26.58
C2 LMT F . -8.03 -25.84 -25.58
C3 LMT F . -9.33 -25.12 -25.47
C4 LMT F . -9.36 -24.46 -24.12
C5 LMT F . -9.59 -22.99 -24.28
C6 LMT F . -8.32 -22.24 -24.40
C7 LMT F . -7.79 -21.93 -23.03
C8 LMT F . -6.36 -21.53 -23.14
C9 LMT F . -6.14 -20.26 -23.91
C10 LMT F . -5.97 -19.17 -22.90
C11 LMT F . -5.48 -17.91 -23.54
C12 LMT F . -5.03 -16.93 -22.53
C1 R06 G . -21.79 -31.66 -11.93
C2 R06 G . -22.38 -33.06 -12.08
N1 R06 G . -22.78 -33.54 -13.39
C3 R06 G . -22.66 -32.84 -14.65
N2 R06 G . -21.71 -33.50 -15.52
C4 R06 G . -20.68 -32.77 -16.24
C5 R06 G . -19.68 -33.48 -17.14
O1 R06 G . -20.63 -31.60 -16.11
C6 R06 G . -21.90 -34.95 -15.57
N3 R06 G . -22.21 -35.55 -14.29
C7 R06 G . -21.53 -36.68 -13.68
C8 R06 G . -20.36 -37.34 -14.40
O2 R06 G . -21.88 -37.07 -12.62
C9 R06 G . -23.32 -34.85 -13.65
O3 R06 G . -22.53 -33.75 -11.13
#